data_3HWO
#
_entry.id   3HWO
#
_cell.length_a   62.469
_cell.length_b   104.795
_cell.length_c   140.014
_cell.angle_alpha   90.00
_cell.angle_beta   90.00
_cell.angle_gamma   90.00
#
_symmetry.space_group_name_H-M   'P 21 21 21'
#
loop_
_entity.id
_entity.type
_entity.pdbx_description
1 polymer 'Isochorismate synthase entC'
2 non-polymer 'MAGNESIUM ION'
3 non-polymer '(5S,6S)-5-[(1-carboxyethenyl)oxy]-6-hydroxycyclohexa-1,3-diene-1-carboxylic acid'
4 water water
#
_entity_poly.entity_id   1
_entity_poly.type   'polypeptide(L)'
_entity_poly.pdbx_seq_one_letter_code
;GSHMDTSLAEEVQQTMATLAPNRFFFMSPYRSFTTSGCFARFDEPAVNGDSPDSPFQQKLAALFADAKAQGIKNPVMVGA
IPFDPRQPSSLYIPESWQSFSRQEKQASARRFTRSQSLNVVERQAIPEQTTFEQMVARAAALTATPQVDKVVLSRLIDIT
TDAAIDSGVLLERLIAQNPVSYNFHVPLADGGVLLGASPELLLRKDGERFSSIPLAGSARRQPDEVLDREAGNRLLASEK
DRHEHELVTQAMKEVLRERSSELHVPSSPQLITTPTLWHLATPFEGKANSQENALTLACLLHPTPALSGFPHQAATQVIA
ELEPFDRELFGGIVGWCDSEGNGEWVVTIRCAKLRENQVRLFAGAGIVPASSPLGEWRETGVKLSTMLNVFGLH
;
_entity_poly.pdbx_strand_id   A,B
#
loop_
_chem_comp.id
_chem_comp.type
_chem_comp.name
_chem_comp.formula
ISC non-polymer '(5S,6S)-5-[(1-carboxyethenyl)oxy]-6-hydroxycyclohexa-1,3-diene-1-carboxylic acid' 'C10 H10 O6'
MG non-polymer 'MAGNESIUM ION' 'Mg 2'
#
# COMPACT_ATOMS: atom_id res chain seq x y z
N MET A 16 -16.30 18.11 -21.69
CA MET A 16 -15.49 18.46 -20.48
C MET A 16 -14.93 17.19 -19.81
N ALA A 17 -14.06 16.50 -20.56
CA ALA A 17 -13.53 15.20 -20.13
C ALA A 17 -12.38 15.33 -19.13
N THR A 18 -12.37 14.45 -18.14
CA THR A 18 -11.29 14.46 -17.15
C THR A 18 -10.42 13.23 -17.28
N LEU A 19 -9.21 13.31 -16.74
CA LEU A 19 -8.24 12.24 -16.85
C LEU A 19 -8.63 10.99 -16.04
N ALA A 20 -8.39 9.84 -16.65
CA ALA A 20 -8.69 8.56 -16.02
C ALA A 20 -7.60 8.24 -15.02
N PRO A 21 -7.96 7.59 -13.88
CA PRO A 21 -7.05 7.32 -12.76
C PRO A 21 -5.91 6.36 -13.09
N ASN A 22 -5.98 5.71 -14.25
CA ASN A 22 -4.91 4.82 -14.67
C ASN A 22 -3.97 5.44 -15.72
N ARG A 23 -4.00 6.76 -15.84
CA ARG A 23 -3.04 7.50 -16.68
C ARG A 23 -2.06 8.37 -15.89
N PHE A 24 -0.81 8.40 -16.35
CA PHE A 24 0.16 9.32 -15.81
C PHE A 24 -0.06 10.69 -16.47
N PHE A 25 0.17 11.76 -15.74
CA PHE A 25 0.05 13.10 -16.28
C PHE A 25 1.16 13.93 -15.66
N PHE A 26 1.78 14.78 -16.47
CA PHE A 26 2.91 15.62 -16.00
C PHE A 26 2.92 16.96 -16.70
N MET A 27 2.79 18.04 -15.92
CA MET A 27 2.67 19.37 -16.47
C MET A 27 3.87 20.18 -16.00
N SER A 28 4.63 20.68 -16.97
CA SER A 28 5.99 21.24 -16.77
C SER A 28 6.35 22.28 -17.84
N PRO A 29 7.23 23.25 -17.51
CA PRO A 29 7.65 24.18 -18.55
C PRO A 29 8.64 23.51 -19.50
N TYR A 30 9.16 22.35 -19.09
CA TYR A 30 10.01 21.53 -19.92
C TYR A 30 9.14 20.68 -20.86
N ARG A 31 8.79 19.47 -20.42
CA ARG A 31 7.90 18.65 -21.22
C ARG A 31 6.62 18.29 -20.45
N SER A 32 5.48 18.57 -21.06
CA SER A 32 4.15 18.22 -20.51
C SER A 32 3.50 17.13 -21.34
N PHE A 33 3.20 15.99 -20.73
CA PHE A 33 2.49 14.89 -21.41
C PHE A 33 1.54 14.07 -20.52
N THR A 34 0.60 13.37 -21.15
CA THR A 34 -0.17 12.31 -20.49
C THR A 34 0.27 10.98 -21.10
N THR A 35 -0.03 9.88 -20.43
CA THR A 35 0.26 8.55 -20.99
C THR A 35 -0.98 7.66 -21.08
N SER A 36 -0.84 6.58 -21.84
CA SER A 36 -1.94 5.65 -22.10
C SER A 36 -1.43 4.24 -21.91
N GLY A 37 -2.21 3.46 -21.17
CA GLY A 37 -1.94 2.04 -21.02
C GLY A 37 -0.68 1.75 -20.28
N CYS A 38 -0.29 0.49 -20.28
CA CYS A 38 0.84 0.03 -19.49
C CYS A 38 1.53 -1.14 -20.16
N PHE A 39 2.83 -0.99 -20.42
CA PHE A 39 3.60 -2.07 -21.01
C PHE A 39 4.22 -2.93 -19.93
N ALA A 40 5.08 -2.32 -19.12
CA ALA A 40 5.76 -3.07 -18.08
C ALA A 40 5.89 -2.26 -16.79
N ARG A 41 5.57 -2.90 -15.67
CA ARG A 41 5.72 -2.32 -14.36
C ARG A 41 7.18 -2.47 -13.89
N PHE A 42 7.62 -1.59 -12.99
CA PHE A 42 9.02 -1.55 -12.57
C PHE A 42 9.13 -1.18 -11.10
N ASP A 43 9.26 -2.21 -10.26
CA ASP A 43 9.16 -2.09 -8.81
C ASP A 43 10.54 -2.00 -8.23
N GLU A 44 11.54 -2.32 -9.05
CA GLU A 44 12.92 -2.40 -8.57
C GLU A 44 13.26 -1.15 -7.77
N PRO A 45 13.71 -1.35 -6.52
CA PRO A 45 14.21 -0.28 -5.67
C PRO A 45 15.28 0.56 -6.39
N ALA A 46 15.33 1.85 -6.08
CA ALA A 46 16.25 2.77 -6.75
C ALA A 46 17.56 2.98 -5.98
N VAL A 47 17.76 2.28 -4.87
CA VAL A 47 19.01 2.41 -4.10
C VAL A 47 20.25 2.18 -4.98
N ASN A 48 21.31 2.97 -4.76
CA ASN A 48 22.48 2.99 -5.64
C ASN A 48 22.09 3.19 -7.10
N GLY A 49 21.09 4.01 -7.35
CA GLY A 49 20.61 4.26 -8.71
C GLY A 49 21.56 5.19 -9.42
N ASP A 50 22.38 5.87 -8.61
CA ASP A 50 23.46 6.72 -9.07
C ASP A 50 24.71 5.91 -9.40
N SER A 51 24.62 5.06 -10.42
CA SER A 51 25.67 4.11 -10.73
C SER A 51 25.08 3.07 -11.66
N PRO A 52 25.51 3.09 -12.93
CA PRO A 52 24.94 2.25 -13.99
C PRO A 52 25.21 0.74 -13.82
N ASP A 53 26.08 0.38 -12.87
CA ASP A 53 26.33 -1.03 -12.56
C ASP A 53 25.26 -1.58 -11.63
N SER A 54 24.43 -0.68 -11.10
CA SER A 54 23.37 -1.04 -10.18
C SER A 54 22.28 -1.89 -10.87
N PRO A 55 21.74 -2.89 -10.14
CA PRO A 55 20.60 -3.67 -10.65
C PRO A 55 19.47 -2.75 -11.12
N PHE A 56 19.34 -1.60 -10.48
CA PHE A 56 18.32 -0.62 -10.85
C PHE A 56 18.48 -0.15 -12.29
N GLN A 57 19.66 0.38 -12.59
CA GLN A 57 19.97 0.86 -13.94
C GLN A 57 20.01 -0.28 -14.98
N GLN A 58 20.54 -1.43 -14.57
CA GLN A 58 20.63 -2.58 -15.47
C GLN A 58 19.25 -3.05 -15.89
N LYS A 59 18.37 -3.20 -14.90
CA LYS A 59 17.01 -3.66 -15.13
C LYS A 59 16.24 -2.61 -15.90
N LEU A 60 16.52 -1.35 -15.58
CA LEU A 60 15.96 -0.22 -16.31
C LEU A 60 16.35 -0.28 -17.78
N ALA A 61 17.65 -0.42 -18.03
CA ALA A 61 18.18 -0.56 -19.40
C ALA A 61 17.56 -1.77 -20.09
N ALA A 62 17.67 -2.93 -19.44
CA ALA A 62 17.03 -4.15 -19.93
C ALA A 62 15.58 -3.88 -20.36
N LEU A 63 14.76 -3.40 -19.43
CA LEU A 63 13.36 -3.09 -19.66
C LEU A 63 13.14 -2.11 -20.83
N PHE A 64 14.08 -1.19 -21.01
CA PHE A 64 13.99 -0.24 -22.12
C PHE A 64 14.25 -0.92 -23.46
N ALA A 65 15.27 -1.78 -23.50
CA ALA A 65 15.59 -2.55 -24.71
C ALA A 65 14.51 -3.59 -24.98
N ASP A 66 14.04 -4.21 -23.91
CA ASP A 66 12.88 -5.10 -23.95
C ASP A 66 11.69 -4.39 -24.62
N ALA A 67 11.44 -3.13 -24.24
CA ALA A 67 10.30 -2.36 -24.76
C ALA A 67 10.42 -1.92 -26.21
N LYS A 68 11.64 -1.57 -26.64
CA LYS A 68 11.88 -1.15 -28.02
C LYS A 68 11.83 -2.37 -28.95
N ALA A 69 12.42 -3.48 -28.49
CA ALA A 69 12.34 -4.75 -29.20
C ALA A 69 10.89 -5.18 -29.40
N GLN A 70 10.05 -4.85 -28.42
CA GLN A 70 8.63 -5.21 -28.45
C GLN A 70 7.79 -4.30 -29.34
N GLY A 71 8.40 -3.26 -29.91
CA GLY A 71 7.72 -2.44 -30.92
C GLY A 71 7.44 -0.99 -30.55
N ILE A 72 7.64 -0.63 -29.29
CA ILE A 72 7.31 0.73 -28.83
C ILE A 72 8.37 1.77 -29.16
N LYS A 73 8.00 2.74 -30.00
CA LYS A 73 8.90 3.82 -30.38
C LYS A 73 8.91 4.92 -29.31
N ASN A 74 10.11 5.25 -28.81
CA ASN A 74 10.25 6.30 -27.82
C ASN A 74 9.62 5.93 -26.47
N PRO A 75 10.07 4.81 -25.89
CA PRO A 75 9.60 4.45 -24.56
C PRO A 75 9.98 5.51 -23.53
N VAL A 76 9.05 5.79 -22.59
CA VAL A 76 9.37 6.58 -21.40
C VAL A 76 9.17 5.73 -20.16
N MET A 77 9.90 6.06 -19.10
CA MET A 77 9.68 5.49 -17.80
C MET A 77 9.11 6.61 -16.91
N VAL A 78 7.84 6.49 -16.51
CA VAL A 78 7.16 7.49 -15.68
C VAL A 78 6.88 6.93 -14.29
N GLY A 79 6.52 7.79 -13.34
CA GLY A 79 6.11 7.33 -12.00
C GLY A 79 6.83 8.01 -10.87
N ALA A 80 6.83 7.37 -9.69
CA ALA A 80 7.45 7.92 -8.48
C ALA A 80 8.43 6.95 -7.80
N ILE A 81 9.39 7.53 -7.09
CA ILE A 81 10.35 6.81 -6.30
C ILE A 81 10.17 7.28 -4.85
N PRO A 82 10.11 6.34 -3.88
CA PRO A 82 9.85 6.70 -2.50
C PRO A 82 10.99 7.47 -1.87
N PHE A 83 10.70 8.13 -0.75
CA PHE A 83 11.71 8.83 0.03
C PHE A 83 12.96 7.96 0.33
N ASP A 84 12.72 6.72 0.75
CA ASP A 84 13.78 5.76 1.06
C ASP A 84 13.91 4.83 -0.11
N PRO A 85 15.02 4.95 -0.85
CA PRO A 85 15.19 4.24 -2.13
C PRO A 85 15.43 2.73 -2.00
N ARG A 86 15.58 2.22 -0.78
CA ARG A 86 15.62 0.77 -0.59
C ARG A 86 14.24 0.17 -0.89
N GLN A 87 13.20 0.91 -0.48
CA GLN A 87 11.81 0.53 -0.73
C GLN A 87 11.50 0.46 -2.22
N PRO A 88 10.43 -0.27 -2.58
CA PRO A 88 10.04 -0.49 -3.97
C PRO A 88 9.59 0.78 -4.71
N SER A 89 9.73 0.77 -6.03
CA SER A 89 9.47 1.95 -6.85
C SER A 89 8.12 1.87 -7.57
N SER A 90 7.59 3.03 -7.92
CA SER A 90 6.29 3.10 -8.54
C SER A 90 6.43 3.56 -9.98
N LEU A 91 7.36 2.93 -10.70
CA LEU A 91 7.63 3.33 -12.06
C LEU A 91 7.00 2.35 -13.01
N TYR A 92 6.85 2.74 -14.27
CA TYR A 92 6.33 1.89 -15.32
C TYR A 92 6.42 2.51 -16.72
N ILE A 93 6.56 1.67 -17.74
CA ILE A 93 6.51 2.14 -19.13
C ILE A 93 5.09 2.06 -19.68
N PRO A 94 4.54 3.20 -20.11
CA PRO A 94 3.19 3.13 -20.66
C PRO A 94 3.18 2.59 -22.08
N GLU A 95 2.00 2.22 -22.56
CA GLU A 95 1.89 1.80 -23.93
C GLU A 95 2.27 2.97 -24.86
N SER A 96 1.76 4.16 -24.54
CA SER A 96 2.09 5.34 -25.32
C SER A 96 2.04 6.62 -24.48
N TRP A 97 2.34 7.75 -25.11
CA TRP A 97 2.22 9.06 -24.47
C TRP A 97 1.80 10.09 -25.51
N GLN A 98 1.37 11.25 -25.03
CA GLN A 98 0.76 12.26 -25.88
C GLN A 98 1.03 13.65 -25.30
N SER A 99 1.84 14.45 -26.00
CA SER A 99 2.16 15.81 -25.55
C SER A 99 0.93 16.70 -25.46
N PHE A 100 0.96 17.67 -24.56
CA PHE A 100 -0.11 18.66 -24.55
C PHE A 100 0.50 20.03 -24.32
N SER A 101 -0.29 21.06 -24.54
CA SER A 101 0.16 22.41 -24.30
C SER A 101 -0.09 22.80 -22.85
N ARG A 102 0.99 23.09 -22.15
CA ARG A 102 0.89 23.52 -20.78
C ARG A 102 -0.04 24.73 -20.67
N GLN A 103 0.10 25.69 -21.59
CA GLN A 103 -0.76 26.88 -21.55
C GLN A 103 -2.21 26.57 -21.92
N GLU A 104 -2.40 25.71 -22.91
CA GLU A 104 -3.73 25.24 -23.25
C GLU A 104 -4.43 24.57 -22.07
N LYS A 105 -3.71 23.69 -21.39
CA LYS A 105 -4.21 23.03 -20.19
C LYS A 105 -4.53 23.97 -19.03
N GLN A 106 -3.69 24.97 -18.79
CA GLN A 106 -3.97 25.94 -17.74
C GLN A 106 -5.30 26.61 -17.99
N ALA A 107 -5.60 26.86 -19.27
CA ALA A 107 -6.80 27.59 -19.67
C ALA A 107 -8.06 26.73 -19.55
N SER A 108 -8.01 25.51 -20.06
CA SER A 108 -9.15 24.61 -19.98
C SER A 108 -9.53 24.32 -18.53
N ALA A 109 -8.50 24.09 -17.70
CA ALA A 109 -8.71 23.83 -16.28
C ALA A 109 -9.42 24.98 -15.58
N ARG A 110 -9.01 26.22 -15.88
CA ARG A 110 -9.61 27.40 -15.24
C ARG A 110 -11.09 27.58 -15.58
N ARG A 111 -11.53 26.95 -16.66
CA ARG A 111 -12.90 27.06 -17.12
C ARG A 111 -13.70 25.85 -16.69
N PHE A 112 -12.98 24.80 -16.29
CA PHE A 112 -13.63 23.59 -15.82
C PHE A 112 -14.52 23.98 -14.66
N THR A 113 -15.78 23.61 -14.77
CA THR A 113 -16.81 24.15 -13.88
C THR A 113 -17.39 23.09 -12.93
N ARG A 114 -17.56 21.87 -13.44
CA ARG A 114 -18.27 20.83 -12.69
C ARG A 114 -17.46 20.15 -11.58
N SER A 115 -17.86 20.37 -10.34
CA SER A 115 -17.13 19.83 -9.20
C SER A 115 -17.72 18.53 -8.67
N GLN A 116 -17.21 18.10 -7.52
CA GLN A 116 -17.77 16.97 -6.80
C GLN A 116 -18.23 17.45 -5.44
N SER A 117 -19.49 17.21 -5.10
CA SER A 117 -19.95 17.37 -3.72
C SER A 117 -19.32 16.27 -2.88
N LEU A 118 -18.53 16.68 -1.89
CA LEU A 118 -17.74 15.72 -1.14
C LEU A 118 -17.90 16.08 0.32
N ASN A 119 -18.36 15.15 1.14
CA ASN A 119 -18.33 15.40 2.58
C ASN A 119 -17.37 14.50 3.33
N VAL A 120 -16.57 15.16 4.17
CA VAL A 120 -15.54 14.53 4.98
C VAL A 120 -16.24 13.89 6.17
N VAL A 121 -15.90 12.64 6.47
CA VAL A 121 -16.48 12.00 7.65
C VAL A 121 -15.45 11.86 8.77
N GLU A 122 -14.16 11.90 8.42
CA GLU A 122 -13.09 11.97 9.39
C GLU A 122 -11.94 12.82 8.84
N ARG A 123 -11.36 13.62 9.73
CA ARG A 123 -10.16 14.34 9.43
C ARG A 123 -9.18 14.18 10.59
N GLN A 124 -8.03 13.59 10.32
CA GLN A 124 -7.07 13.33 11.35
C GLN A 124 -5.73 13.96 11.05
N ALA A 125 -5.27 14.82 11.95
CA ALA A 125 -3.88 15.26 11.92
C ALA A 125 -3.00 14.25 12.63
N ILE A 126 -1.94 13.82 11.96
CA ILE A 126 -1.03 12.82 12.47
C ILE A 126 0.41 13.31 12.34
N PRO A 127 1.04 13.70 13.47
CA PRO A 127 0.41 13.82 14.79
C PRO A 127 -0.31 15.16 14.94
N GLU A 128 -0.79 15.47 16.14
CA GLU A 128 -1.43 16.76 16.38
C GLU A 128 -0.44 17.84 16.87
N GLN A 129 -0.95 19.03 17.15
CA GLN A 129 -0.07 20.19 17.39
C GLN A 129 1.01 19.95 18.43
N THR A 130 0.58 19.42 19.58
CA THR A 130 1.44 19.28 20.75
C THR A 130 2.57 18.29 20.55
N THR A 131 2.25 17.06 20.13
CA THR A 131 3.28 16.09 19.79
C THR A 131 4.25 16.63 18.73
N PHE A 132 3.72 17.27 17.71
CA PHE A 132 4.56 17.83 16.65
C PHE A 132 5.56 18.82 17.23
N GLU A 133 5.06 19.78 18.01
CA GLU A 133 5.94 20.77 18.63
C GLU A 133 7.08 20.18 19.46
N GLN A 134 6.84 19.04 20.11
CA GLN A 134 7.89 18.35 20.87
C GLN A 134 8.89 17.68 19.95
N MET A 135 8.42 17.19 18.81
CA MET A 135 9.32 16.62 17.81
C MET A 135 10.22 17.72 17.23
N VAL A 136 9.68 18.92 17.11
CA VAL A 136 10.44 20.05 16.57
C VAL A 136 11.49 20.51 17.58
N ALA A 137 11.09 20.60 18.85
CA ALA A 137 11.99 20.97 19.94
C ALA A 137 13.14 19.96 20.09
N ARG A 138 12.81 18.67 20.03
CA ARG A 138 13.80 17.60 20.17
C ARG A 138 14.74 17.49 18.97
N ALA A 139 14.32 18.00 17.82
CA ALA A 139 15.15 17.99 16.63
C ALA A 139 16.02 19.23 16.55
N ALA A 140 15.46 20.38 16.93
CA ALA A 140 16.22 21.63 16.98
C ALA A 140 17.46 21.45 17.87
N ALA A 141 17.25 20.78 19.00
CA ALA A 141 18.30 20.53 19.98
C ALA A 141 19.41 19.60 19.47
N LEU A 142 19.04 18.62 18.66
CA LEU A 142 20.04 17.70 18.11
C LEU A 142 20.85 18.34 16.97
N THR A 143 20.32 19.42 16.39
CA THR A 143 21.03 20.17 15.36
C THR A 143 22.03 21.14 15.98
N ALA A 144 21.78 21.53 17.23
CA ALA A 144 22.71 22.35 17.99
C ALA A 144 23.94 21.53 18.43
N THR A 145 23.76 20.23 18.55
CA THR A 145 24.84 19.33 18.92
C THR A 145 25.64 18.98 17.68
N PRO A 146 26.80 18.32 17.84
CA PRO A 146 27.60 17.91 16.69
C PRO A 146 26.97 16.84 15.78
N GLN A 147 26.01 16.08 16.29
CA GLN A 147 25.44 14.93 15.55
C GLN A 147 24.75 15.22 14.19
N VAL A 148 23.97 16.29 14.13
CA VAL A 148 23.33 16.72 12.87
C VAL A 148 23.27 18.24 12.80
N ASP A 149 23.24 18.76 11.58
CA ASP A 149 23.11 20.20 11.35
C ASP A 149 21.67 20.56 10.95
N LYS A 150 21.03 19.67 10.19
CA LYS A 150 19.66 19.87 9.75
C LYS A 150 18.92 18.55 9.63
N VAL A 151 17.72 18.48 10.21
CA VAL A 151 16.77 17.39 9.94
C VAL A 151 15.44 17.98 9.45
N VAL A 152 14.84 17.37 8.44
CA VAL A 152 13.48 17.81 8.10
C VAL A 152 12.42 16.85 8.66
N LEU A 153 11.43 17.44 9.33
CA LEU A 153 10.38 16.68 9.98
C LEU A 153 9.04 16.94 9.31
N SER A 154 8.28 15.89 9.10
CA SER A 154 6.98 16.04 8.45
C SER A 154 5.81 15.57 9.28
N ARG A 155 4.62 15.97 8.83
CA ARG A 155 3.37 15.48 9.39
C ARG A 155 2.33 15.22 8.29
N LEU A 156 1.20 14.63 8.67
CA LEU A 156 0.18 14.16 7.74
C LEU A 156 -1.19 14.71 8.09
N ILE A 157 -2.07 14.77 7.10
CA ILE A 157 -3.49 14.91 7.32
C ILE A 157 -4.22 13.77 6.58
N ASP A 158 -4.90 12.92 7.35
CA ASP A 158 -5.73 11.86 6.76
C ASP A 158 -7.17 12.29 6.68
N ILE A 159 -7.76 12.09 5.49
CA ILE A 159 -9.15 12.48 5.26
C ILE A 159 -9.97 11.33 4.71
N THR A 160 -11.09 11.04 5.37
CA THR A 160 -12.02 10.05 4.88
C THR A 160 -13.27 10.77 4.43
N THR A 161 -13.75 10.37 3.28
CA THR A 161 -14.85 11.03 2.68
C THR A 161 -15.95 9.94 2.57
N ASP A 162 -17.18 10.34 2.28
CA ASP A 162 -18.28 9.37 2.20
C ASP A 162 -18.58 8.79 0.82
N ALA A 163 -17.79 9.14 -0.18
CA ALA A 163 -17.91 8.58 -1.51
C ALA A 163 -16.51 8.58 -2.09
N ALA A 164 -16.27 7.68 -3.04
CA ALA A 164 -15.01 7.62 -3.74
C ALA A 164 -14.69 8.98 -4.39
N ILE A 165 -13.45 9.42 -4.24
CA ILE A 165 -13.01 10.71 -4.75
C ILE A 165 -12.65 10.60 -6.24
N ASP A 166 -13.30 11.42 -7.06
CA ASP A 166 -12.96 11.54 -8.48
C ASP A 166 -11.62 12.27 -8.67
N SER A 167 -10.59 11.52 -9.05
CA SER A 167 -9.25 12.10 -9.15
C SER A 167 -9.06 13.05 -10.36
N GLY A 168 -9.93 12.93 -11.36
CA GLY A 168 -9.85 13.75 -12.56
C GLY A 168 -10.33 15.15 -12.29
N VAL A 169 -11.47 15.26 -11.62
CA VAL A 169 -12.03 16.55 -11.28
C VAL A 169 -11.09 17.33 -10.36
N LEU A 170 -10.47 16.60 -9.44
CA LEU A 170 -9.55 17.18 -8.49
C LEU A 170 -8.29 17.71 -9.22
N LEU A 171 -7.81 16.96 -10.21
CA LEU A 171 -6.65 17.40 -10.98
C LEU A 171 -6.92 18.73 -11.72
N GLU A 172 -8.13 18.84 -12.26
CA GLU A 172 -8.58 20.08 -12.88
C GLU A 172 -8.47 21.25 -11.91
N ARG A 173 -9.01 21.08 -10.69
CA ARG A 173 -8.97 22.09 -9.63
C ARG A 173 -7.54 22.46 -9.22
N LEU A 174 -6.68 21.46 -9.11
CA LEU A 174 -5.30 21.67 -8.70
C LEU A 174 -4.54 22.56 -9.72
N ILE A 175 -4.76 22.29 -11.01
CA ILE A 175 -4.16 23.04 -12.09
C ILE A 175 -4.68 24.48 -12.08
N ALA A 176 -5.99 24.64 -11.89
CA ALA A 176 -6.61 25.96 -11.82
C ALA A 176 -6.01 26.77 -10.67
N GLN A 177 -5.79 26.13 -9.52
CA GLN A 177 -5.22 26.82 -8.37
C GLN A 177 -3.69 26.96 -8.39
N ASN A 178 -3.02 26.13 -9.18
CA ASN A 178 -1.56 26.08 -9.23
C ASN A 178 -1.07 26.00 -10.67
N PRO A 179 -1.30 27.07 -11.46
CA PRO A 179 -0.98 27.03 -12.89
C PRO A 179 0.50 26.84 -13.17
N VAL A 180 1.36 27.36 -12.27
CA VAL A 180 2.79 27.44 -12.52
C VAL A 180 3.68 26.24 -12.08
N SER A 181 3.23 25.44 -11.11
CA SER A 181 4.08 24.39 -10.54
C SER A 181 4.20 23.13 -11.41
N TYR A 182 5.07 22.21 -10.99
CA TYR A 182 5.16 20.88 -11.60
C TYR A 182 4.03 20.05 -11.05
N ASN A 183 2.96 19.98 -11.82
CA ASN A 183 1.76 19.32 -11.45
C ASN A 183 1.77 17.88 -11.98
N PHE A 184 1.56 16.91 -11.09
CA PHE A 184 1.65 15.49 -11.45
C PHE A 184 0.44 14.68 -10.98
N HIS A 185 0.19 13.55 -11.63
CA HIS A 185 -0.91 12.64 -11.35
C HIS A 185 -0.45 11.24 -11.76
N VAL A 186 -0.07 10.43 -10.76
CA VAL A 186 0.47 9.12 -11.03
C VAL A 186 -0.36 7.96 -10.46
N PRO A 187 -0.69 6.99 -11.33
CA PRO A 187 -1.30 5.69 -11.04
C PRO A 187 -0.42 4.79 -10.22
N LEU A 188 -0.92 4.34 -9.09
CA LEU A 188 -0.20 3.44 -8.20
C LEU A 188 -0.62 1.97 -8.44
N ALA A 189 0.18 1.02 -7.93
CA ALA A 189 -0.08 -0.40 -8.16
C ALA A 189 -1.30 -0.91 -7.38
N ASP A 190 -1.49 -0.44 -6.15
CA ASP A 190 -2.81 -0.54 -5.54
C ASP A 190 -3.67 0.34 -6.43
N GLY A 191 -4.97 0.46 -6.24
CA GLY A 191 -5.68 1.28 -7.25
C GLY A 191 -5.52 2.80 -7.13
N GLY A 192 -4.50 3.26 -6.42
CA GLY A 192 -4.44 4.67 -6.00
C GLY A 192 -3.86 5.68 -7.00
N VAL A 193 -3.82 6.94 -6.55
CA VAL A 193 -3.31 8.04 -7.35
C VAL A 193 -2.47 8.95 -6.46
N LEU A 194 -1.20 9.18 -6.83
CA LEU A 194 -0.38 10.25 -6.25
C LEU A 194 -0.52 11.51 -7.07
N LEU A 195 -0.87 12.61 -6.40
CA LEU A 195 -1.41 13.82 -7.00
C LEU A 195 -0.73 15.03 -6.32
N GLY A 196 -0.24 16.00 -7.08
CA GLY A 196 0.37 17.17 -6.44
C GLY A 196 0.85 18.33 -7.31
N ALA A 197 1.24 19.39 -6.64
CA ALA A 197 1.69 20.62 -7.31
C ALA A 197 3.05 21.05 -6.75
N SER A 198 4.10 20.39 -7.19
CA SER A 198 5.42 20.60 -6.63
C SER A 198 6.08 21.84 -7.23
N PRO A 199 6.65 22.72 -6.36
CA PRO A 199 7.48 23.80 -6.85
C PRO A 199 8.96 23.45 -6.92
N GLU A 200 9.36 22.23 -6.60
CA GLU A 200 10.77 21.94 -6.51
C GLU A 200 11.34 21.00 -7.58
N LEU A 201 12.14 21.57 -8.49
CA LEU A 201 12.85 20.75 -9.46
C LEU A 201 14.03 20.05 -8.80
N LEU A 202 14.07 18.72 -8.90
CA LEU A 202 15.19 17.95 -8.40
C LEU A 202 16.20 17.66 -9.51
N LEU A 203 15.73 17.31 -10.69
CA LEU A 203 16.65 17.14 -11.77
C LEU A 203 16.01 17.14 -13.16
N ARG A 204 16.44 18.11 -13.98
CA ARG A 204 16.10 18.09 -15.40
C ARG A 204 17.36 17.77 -16.21
N LYS A 205 17.22 16.83 -17.16
CA LYS A 205 18.30 16.57 -18.11
C LYS A 205 17.77 16.69 -19.54
N ASP A 206 18.33 17.63 -20.28
CA ASP A 206 17.91 17.88 -21.66
C ASP A 206 19.14 17.73 -22.55
N GLY A 207 19.28 16.55 -23.15
CA GLY A 207 20.53 16.18 -23.79
C GLY A 207 21.64 16.07 -22.77
N GLU A 208 22.75 16.74 -23.03
CA GLU A 208 23.92 16.72 -22.16
C GLU A 208 23.76 17.66 -20.93
N ARG A 209 22.86 18.62 -21.07
CA ARG A 209 22.60 19.67 -20.07
C ARG A 209 21.69 19.21 -18.94
N PHE A 210 21.99 19.63 -17.72
CA PHE A 210 21.12 19.37 -16.58
C PHE A 210 20.93 20.57 -15.65
N SER A 211 19.78 20.60 -14.97
CA SER A 211 19.59 21.56 -13.90
C SER A 211 18.81 21.00 -12.72
N SER A 212 19.04 21.63 -11.57
CA SER A 212 18.35 21.34 -10.34
C SER A 212 18.07 22.67 -9.67
N ILE A 213 16.88 22.81 -9.07
CA ILE A 213 16.54 24.08 -8.43
C ILE A 213 16.00 23.88 -7.02
N PRO A 214 16.92 23.61 -6.07
CA PRO A 214 16.54 23.39 -4.67
C PRO A 214 15.87 24.59 -4.03
N LEU A 215 14.87 24.32 -3.21
CA LEU A 215 14.21 25.31 -2.37
C LEU A 215 14.54 25.00 -0.91
N ALA A 216 14.33 25.98 -0.05
CA ALA A 216 14.53 25.83 1.40
C ALA A 216 14.39 27.21 2.02
N GLY A 217 13.41 27.39 2.91
CA GLY A 217 13.15 28.68 3.51
C GLY A 217 11.88 29.24 2.91
N SER A 218 10.95 29.67 3.76
CA SER A 218 9.59 29.98 3.32
C SER A 218 9.02 31.11 4.13
N ALA A 219 8.11 31.85 3.53
CA ALA A 219 7.33 32.87 4.22
C ALA A 219 5.95 32.95 3.58
N ARG A 220 4.91 33.09 4.40
CA ARG A 220 3.57 33.20 3.86
C ARG A 220 3.48 34.40 2.91
N ARG A 221 2.73 34.24 1.83
CA ARG A 221 2.43 35.33 0.93
C ARG A 221 1.24 36.12 1.46
N GLN A 222 1.14 37.38 1.06
CA GLN A 222 0.08 38.24 1.57
C GLN A 222 -0.90 38.69 0.50
N PRO A 223 -2.18 38.84 0.89
CA PRO A 223 -3.31 39.29 0.06
C PRO A 223 -3.06 40.57 -0.73
N ASP A 224 -2.30 41.52 -0.16
CA ASP A 224 -2.04 42.78 -0.86
C ASP A 224 -0.57 43.04 -1.20
N GLU A 225 -0.33 43.40 -2.45
CA GLU A 225 1.01 43.43 -3.05
C GLU A 225 1.99 44.48 -2.53
N VAL A 226 1.71 45.03 -1.36
CA VAL A 226 2.69 45.87 -0.67
C VAL A 226 3.29 45.06 0.47
N LEU A 227 2.42 44.56 1.35
CA LEU A 227 2.83 43.74 2.50
C LEU A 227 3.29 42.35 2.04
N ASP A 228 3.05 42.07 0.77
CA ASP A 228 3.48 40.83 0.13
C ASP A 228 4.88 41.02 -0.44
N ARG A 229 5.07 42.12 -1.16
CA ARG A 229 6.33 42.37 -1.85
C ARG A 229 7.48 42.64 -0.87
N GLU A 230 7.16 42.73 0.41
CA GLU A 230 8.20 42.91 1.41
C GLU A 230 8.36 41.67 2.27
N ALA A 231 7.28 40.90 2.39
CA ALA A 231 7.35 39.60 3.05
C ALA A 231 8.44 38.76 2.39
N GLY A 232 8.56 38.91 1.07
CA GLY A 232 9.62 38.26 0.29
C GLY A 232 10.98 38.90 0.50
N ASN A 233 11.02 40.23 0.50
CA ASN A 233 12.24 40.96 0.83
C ASN A 233 12.78 40.55 2.20
N ARG A 234 11.86 40.38 3.14
CA ARG A 234 12.19 39.93 4.48
C ARG A 234 12.75 38.50 4.45
N LEU A 235 12.19 37.64 3.60
CA LEU A 235 12.68 36.27 3.49
C LEU A 235 14.14 36.27 3.03
N LEU A 236 14.45 37.15 2.09
CA LEU A 236 15.80 37.31 1.54
C LEU A 236 16.81 37.68 2.63
N ALA A 237 16.37 38.48 3.59
CA ALA A 237 17.19 38.90 4.75
C ALA A 237 17.28 37.85 5.87
N SER A 238 16.16 37.22 6.18
CA SER A 238 16.08 36.22 7.25
C SER A 238 17.27 35.26 7.32
N GLU A 239 17.96 35.24 8.46
CA GLU A 239 19.16 34.41 8.61
C GLU A 239 18.86 32.95 8.92
N LYS A 240 17.75 32.71 9.61
CA LYS A 240 17.32 31.34 9.88
C LYS A 240 17.14 30.62 8.56
N ASP A 241 16.37 31.25 7.67
CA ASP A 241 16.08 30.69 6.36
C ASP A 241 17.29 30.67 5.43
N ARG A 242 18.12 31.71 5.48
CA ARG A 242 19.33 31.72 4.66
C ARG A 242 20.31 30.62 5.08
N HIS A 243 20.42 30.36 6.39
CA HIS A 243 21.27 29.25 6.86
C HIS A 243 20.63 27.92 6.50
N GLU A 244 19.33 27.83 6.71
CA GLU A 244 18.56 26.71 6.23
C GLU A 244 18.96 26.45 4.81
N HIS A 245 18.79 27.46 3.98
CA HIS A 245 19.08 27.34 2.54
C HIS A 245 20.53 26.94 2.19
N GLU A 246 21.50 27.58 2.85
CA GLU A 246 22.92 27.31 2.60
C GLU A 246 23.33 25.85 2.88
N LEU A 247 22.75 25.26 3.91
CA LEU A 247 23.01 23.88 4.26
C LEU A 247 22.69 22.96 3.08
N VAL A 248 21.58 23.25 2.40
CA VAL A 248 21.16 22.52 1.21
C VAL A 248 22.13 22.64 0.01
N THR A 249 22.55 23.86 -0.30
CA THR A 249 23.34 24.11 -1.51
C THR A 249 24.78 23.60 -1.44
N GLN A 250 25.42 23.78 -0.28
CA GLN A 250 26.78 23.28 -0.10
C GLN A 250 26.83 21.76 -0.28
N ALA A 251 25.85 21.07 0.29
CA ALA A 251 25.77 19.61 0.19
C ALA A 251 25.73 19.13 -1.26
N MET A 252 24.89 19.73 -2.07
CA MET A 252 24.79 19.23 -3.45
C MET A 252 25.96 19.65 -4.35
N LYS A 253 26.58 20.79 -4.03
CA LYS A 253 27.84 21.20 -4.67
C LYS A 253 28.83 20.05 -4.63
N GLU A 254 29.13 19.60 -3.40
CA GLU A 254 30.11 18.55 -3.14
C GLU A 254 29.77 17.26 -3.86
N VAL A 255 28.51 16.87 -3.76
CA VAL A 255 28.01 15.64 -4.38
C VAL A 255 28.12 15.68 -5.91
N LEU A 256 27.96 16.88 -6.48
CA LEU A 256 27.96 17.04 -7.92
C LEU A 256 29.36 17.27 -8.49
N ARG A 257 30.30 17.60 -7.60
CA ARG A 257 31.71 17.85 -7.96
C ARG A 257 32.30 16.89 -8.99
N GLU A 258 32.35 15.61 -8.65
CA GLU A 258 32.97 14.65 -9.56
C GLU A 258 31.97 13.91 -10.46
N ARG A 259 30.85 14.56 -10.75
CA ARG A 259 29.81 13.99 -11.59
C ARG A 259 29.46 14.89 -12.77
N SER A 260 29.91 16.14 -12.73
CA SER A 260 29.59 17.12 -13.76
C SER A 260 30.84 17.59 -14.48
N SER A 261 30.75 17.66 -15.81
CA SER A 261 31.76 18.33 -16.66
C SER A 261 32.02 19.74 -16.13
N GLU A 262 31.03 20.62 -16.23
CA GLU A 262 31.09 21.94 -15.62
C GLU A 262 29.83 22.18 -14.80
N LEU A 263 29.86 23.22 -13.95
CA LEU A 263 28.80 23.44 -12.97
C LEU A 263 28.75 24.87 -12.46
N HIS A 264 27.62 25.54 -12.66
CA HIS A 264 27.42 26.87 -12.14
C HIS A 264 26.37 26.89 -11.02
N VAL A 265 26.73 27.51 -9.90
CA VAL A 265 25.85 27.69 -8.75
C VAL A 265 25.99 29.09 -8.16
N PRO A 266 24.92 29.89 -8.20
CA PRO A 266 24.92 31.15 -7.48
C PRO A 266 25.19 30.91 -6.00
N SER A 267 25.93 31.83 -5.39
CA SER A 267 26.27 31.71 -3.99
C SER A 267 25.19 32.35 -3.11
N SER A 268 24.27 33.10 -3.72
CA SER A 268 23.11 33.65 -3.04
C SER A 268 21.78 33.19 -3.70
N PRO A 269 20.77 32.85 -2.88
CA PRO A 269 19.47 32.43 -3.39
C PRO A 269 18.62 33.57 -3.98
N GLN A 270 17.54 33.20 -4.66
CA GLN A 270 16.60 34.17 -5.17
C GLN A 270 15.18 33.79 -4.77
N LEU A 271 14.28 34.75 -4.81
CA LEU A 271 12.89 34.54 -4.42
C LEU A 271 12.09 33.87 -5.51
N ILE A 272 11.30 32.86 -5.14
CA ILE A 272 10.29 32.28 -6.05
C ILE A 272 8.95 32.17 -5.35
N THR A 273 7.89 32.03 -6.15
CA THR A 273 6.53 32.08 -5.61
C THR A 273 5.71 30.79 -5.77
N THR A 274 4.78 30.63 -4.83
CA THR A 274 3.74 29.63 -4.84
C THR A 274 2.50 30.49 -4.57
N PRO A 275 1.28 29.99 -4.87
CA PRO A 275 0.12 30.79 -4.47
C PRO A 275 0.09 31.02 -2.96
N THR A 276 0.89 30.25 -2.25
CA THR A 276 0.85 30.14 -0.80
C THR A 276 2.11 30.73 -0.14
N LEU A 277 3.26 30.55 -0.78
CA LEU A 277 4.55 30.74 -0.15
C LEU A 277 5.58 31.45 -1.00
N TRP A 278 6.42 32.25 -0.33
CA TRP A 278 7.68 32.72 -0.86
C TRP A 278 8.66 31.63 -0.50
N HIS A 279 9.53 31.23 -1.42
CA HIS A 279 10.62 30.33 -1.07
C HIS A 279 11.94 30.91 -1.54
N LEU A 280 13.04 30.45 -0.96
CA LEU A 280 14.36 30.80 -1.44
C LEU A 280 14.80 29.68 -2.37
N ALA A 281 15.34 30.05 -3.55
CA ALA A 281 15.78 29.07 -4.54
C ALA A 281 17.24 29.28 -4.95
N THR A 282 17.89 28.19 -5.34
CA THR A 282 19.19 28.27 -5.96
C THR A 282 19.25 27.38 -7.20
N PRO A 283 19.30 28.00 -8.39
CA PRO A 283 19.39 27.18 -9.58
C PRO A 283 20.80 26.66 -9.84
N PHE A 284 20.89 25.36 -10.11
CA PHE A 284 22.14 24.70 -10.49
C PHE A 284 22.06 24.44 -11.98
N GLU A 285 23.13 24.73 -12.72
CA GLU A 285 23.17 24.42 -14.16
C GLU A 285 24.49 23.75 -14.45
N GLY A 286 24.46 22.68 -15.24
CA GLY A 286 25.68 21.97 -15.53
C GLY A 286 25.57 21.05 -16.71
N LYS A 287 26.69 20.42 -17.02
CA LYS A 287 26.71 19.38 -18.03
C LYS A 287 27.23 18.12 -17.34
N ALA A 288 26.75 16.96 -17.77
CA ALA A 288 27.25 15.72 -17.20
C ALA A 288 27.75 14.79 -18.30
N ASN A 289 28.57 13.82 -17.92
CA ASN A 289 29.14 12.82 -18.85
C ASN A 289 28.09 11.93 -19.51
N SER A 290 28.51 11.19 -20.53
CA SER A 290 27.62 10.22 -21.20
C SER A 290 27.45 8.98 -20.33
N GLN A 291 28.24 8.90 -19.27
CA GLN A 291 28.13 7.84 -18.28
C GLN A 291 26.88 8.03 -17.42
N GLU A 292 26.14 9.09 -17.69
CA GLU A 292 25.10 9.56 -16.79
C GLU A 292 23.74 9.69 -17.51
N ASN A 293 22.66 9.47 -16.77
CA ASN A 293 21.31 9.83 -17.27
C ASN A 293 20.49 10.64 -16.25
N ALA A 294 19.25 10.97 -16.60
CA ALA A 294 18.39 11.71 -15.70
C ALA A 294 18.26 11.03 -14.32
N LEU A 295 18.13 9.71 -14.31
CA LEU A 295 17.98 8.97 -13.05
C LEU A 295 19.24 8.76 -12.24
N THR A 296 20.35 8.41 -12.91
CA THR A 296 21.64 8.34 -12.22
C THR A 296 21.93 9.64 -11.47
N LEU A 297 21.59 10.77 -12.09
CA LEU A 297 21.78 12.08 -11.47
C LEU A 297 20.72 12.40 -10.41
N ALA A 298 19.45 12.08 -10.69
CA ALA A 298 18.38 12.28 -9.72
C ALA A 298 18.59 11.43 -8.45
N CYS A 299 18.96 10.17 -8.66
CA CYS A 299 19.32 9.29 -7.53
C CYS A 299 20.49 9.82 -6.71
N LEU A 300 21.49 10.36 -7.37
CA LEU A 300 22.62 10.98 -6.69
C LEU A 300 22.19 12.11 -5.75
N LEU A 301 21.32 12.99 -6.24
CA LEU A 301 20.96 14.20 -5.50
C LEU A 301 19.94 13.99 -4.39
N HIS A 302 19.03 13.03 -4.59
CA HIS A 302 17.88 12.91 -3.70
C HIS A 302 17.99 11.76 -2.71
N PRO A 303 17.53 11.97 -1.46
CA PRO A 303 17.00 13.25 -0.96
C PRO A 303 18.06 14.29 -0.59
N THR A 304 17.68 15.55 -0.83
CA THR A 304 18.45 16.73 -0.55
C THR A 304 18.32 17.11 0.93
N PRO A 305 19.27 17.88 1.47
CA PRO A 305 19.04 18.41 2.81
C PRO A 305 17.75 19.23 2.97
N ALA A 306 17.07 19.54 1.86
CA ALA A 306 15.77 20.20 1.96
C ALA A 306 14.66 19.21 2.33
N LEU A 307 14.95 17.91 2.15
CA LEU A 307 13.93 16.88 2.37
C LEU A 307 14.28 15.83 3.42
N SER A 308 15.56 15.66 3.70
CA SER A 308 15.95 14.73 4.76
C SER A 308 16.70 15.48 5.86
N GLY A 309 17.89 15.94 5.51
CA GLY A 309 18.70 16.80 6.37
C GLY A 309 20.18 16.73 6.03
N PHE A 310 21.01 17.24 6.93
CA PHE A 310 22.48 17.18 6.76
C PHE A 310 23.21 16.95 8.08
N PRO A 311 24.08 15.92 8.12
CA PRO A 311 24.31 15.00 6.99
C PRO A 311 23.11 14.08 6.69
N HIS A 312 23.06 13.55 5.47
CA HIS A 312 21.90 12.78 5.04
C HIS A 312 21.58 11.64 5.98
N GLN A 313 22.51 10.69 6.11
CA GLN A 313 22.23 9.46 6.85
C GLN A 313 22.03 9.67 8.35
N ALA A 314 22.71 10.67 8.91
CA ALA A 314 22.52 11.01 10.31
C ALA A 314 21.15 11.67 10.56
N ALA A 315 20.58 12.30 9.53
CA ALA A 315 19.27 12.96 9.67
C ALA A 315 18.16 11.96 9.36
N THR A 316 18.47 11.02 8.48
CA THR A 316 17.67 9.85 8.18
C THR A 316 17.29 9.07 9.43
N GLN A 317 18.19 9.07 10.41
CA GLN A 317 17.97 8.35 11.66
C GLN A 317 17.15 9.14 12.67
N VAL A 318 17.40 10.45 12.79
CA VAL A 318 16.56 11.29 13.65
C VAL A 318 15.10 11.21 13.16
N ILE A 319 14.94 11.28 11.85
CA ILE A 319 13.64 11.24 11.18
C ILE A 319 12.89 9.94 11.50
N ALA A 320 13.62 8.83 11.42
CA ALA A 320 13.08 7.49 11.70
C ALA A 320 12.65 7.28 13.16
N GLU A 321 13.21 8.06 14.08
CA GLU A 321 12.89 7.91 15.49
C GLU A 321 11.86 8.95 15.95
N LEU A 322 11.66 9.98 15.17
CA LEU A 322 10.73 11.04 15.57
C LEU A 322 9.35 10.95 14.92
N GLU A 323 9.29 10.46 13.69
CA GLU A 323 8.05 10.49 12.92
C GLU A 323 7.21 9.23 13.11
N PRO A 324 5.97 9.40 13.60
CA PRO A 324 5.05 8.31 13.88
C PRO A 324 4.37 7.75 12.64
N PHE A 325 5.08 7.75 11.50
CA PHE A 325 4.57 7.15 10.26
C PHE A 325 5.69 6.85 9.28
N ASP A 326 5.36 6.13 8.22
CA ASP A 326 6.28 5.87 7.10
C ASP A 326 5.95 6.82 5.91
N ARG A 327 6.97 7.47 5.36
CA ARG A 327 6.77 8.50 4.35
C ARG A 327 6.35 7.88 3.03
N GLU A 328 6.84 6.66 2.78
CA GLU A 328 6.62 5.99 1.51
C GLU A 328 6.99 6.92 0.31
N LEU A 329 6.02 7.28 -0.50
CA LEU A 329 6.29 8.10 -1.68
C LEU A 329 6.48 9.59 -1.37
N PHE A 330 6.08 10.02 -0.16
CA PHE A 330 6.19 11.40 0.27
C PHE A 330 7.62 11.84 0.55
N GLY A 331 8.06 12.94 -0.06
CA GLY A 331 9.46 13.33 0.04
C GLY A 331 10.37 12.55 -0.88
N GLY A 332 9.79 11.78 -1.80
CA GLY A 332 10.56 11.11 -2.84
C GLY A 332 10.57 12.00 -4.09
N ILE A 333 10.73 11.40 -5.26
CA ILE A 333 10.72 12.18 -6.48
C ILE A 333 9.71 11.60 -7.44
N VAL A 334 9.14 12.46 -8.26
CA VAL A 334 8.21 12.01 -9.29
C VAL A 334 8.60 12.65 -10.62
N GLY A 335 8.36 11.94 -11.71
CA GLY A 335 8.70 12.42 -13.04
C GLY A 335 8.84 11.31 -14.06
N TRP A 336 9.83 11.45 -14.93
CA TRP A 336 10.02 10.55 -16.06
C TRP A 336 11.48 10.59 -16.56
N CYS A 337 11.82 9.61 -17.39
CA CYS A 337 13.07 9.65 -18.13
C CYS A 337 12.92 8.74 -19.34
N ASP A 338 13.61 9.08 -20.44
CA ASP A 338 13.51 8.27 -21.66
C ASP A 338 14.68 7.31 -21.83
N SER A 339 14.72 6.64 -22.99
CA SER A 339 15.79 5.69 -23.30
C SER A 339 17.08 6.37 -23.75
N GLU A 340 17.07 7.71 -23.82
CA GLU A 340 18.20 8.47 -24.33
C GLU A 340 18.85 9.45 -23.34
N GLY A 341 18.69 9.20 -22.05
CA GLY A 341 19.33 10.02 -21.01
C GLY A 341 18.59 11.28 -20.59
N ASN A 342 17.49 11.59 -21.26
CA ASN A 342 16.71 12.78 -20.93
C ASN A 342 15.67 12.48 -19.87
N GLY A 343 15.18 13.54 -19.22
CA GLY A 343 14.06 13.43 -18.30
C GLY A 343 13.86 14.63 -17.40
N GLU A 344 12.96 14.47 -16.44
CA GLU A 344 12.69 15.49 -15.44
C GLU A 344 12.16 14.84 -14.17
N TRP A 345 12.68 15.29 -13.02
CA TRP A 345 12.29 14.76 -11.72
C TRP A 345 12.04 15.88 -10.72
N VAL A 346 10.85 15.89 -10.14
CA VAL A 346 10.53 16.90 -9.14
C VAL A 346 10.27 16.23 -7.78
N VAL A 347 10.48 16.97 -6.71
CA VAL A 347 10.27 16.45 -5.37
C VAL A 347 8.77 16.24 -5.05
N THR A 348 8.44 15.10 -4.46
CA THR A 348 7.04 14.77 -4.17
C THR A 348 6.59 15.41 -2.87
N ILE A 349 6.16 16.66 -3.00
CA ILE A 349 5.68 17.50 -1.91
C ILE A 349 4.52 18.26 -2.46
N ARG A 350 3.83 19.02 -1.61
CA ARG A 350 2.55 19.66 -1.94
C ARG A 350 1.63 18.69 -2.65
N CYS A 351 1.48 17.50 -2.07
CA CYS A 351 0.86 16.39 -2.74
C CYS A 351 -0.08 15.60 -1.81
N ALA A 352 -0.75 14.63 -2.40
CA ALA A 352 -1.70 13.77 -1.71
C ALA A 352 -1.67 12.40 -2.33
N LYS A 353 -1.85 11.35 -1.52
CA LYS A 353 -2.28 10.05 -2.04
C LYS A 353 -3.78 9.81 -1.79
N LEU A 354 -4.50 9.49 -2.87
CA LEU A 354 -5.91 9.20 -2.91
C LEU A 354 -6.07 7.74 -3.26
N ARG A 355 -7.05 7.09 -2.65
CA ARG A 355 -7.51 5.76 -3.07
C ARG A 355 -8.92 5.53 -2.55
N GLU A 356 -9.86 5.44 -3.49
CA GLU A 356 -11.28 5.35 -3.16
C GLU A 356 -11.70 6.55 -2.32
N ASN A 357 -12.21 6.33 -1.11
CA ASN A 357 -12.67 7.44 -0.28
C ASN A 357 -11.65 7.93 0.76
N GLN A 358 -10.39 7.58 0.59
CA GLN A 358 -9.36 7.90 1.56
C GLN A 358 -8.28 8.79 0.92
N VAL A 359 -7.93 9.90 1.57
CA VAL A 359 -6.78 10.72 1.17
C VAL A 359 -5.82 10.95 2.33
N ARG A 360 -4.53 10.99 2.01
CA ARG A 360 -3.51 11.39 2.93
C ARG A 360 -2.72 12.58 2.33
N LEU A 361 -2.68 13.71 3.03
CA LEU A 361 -1.82 14.85 2.67
C LEU A 361 -0.48 14.81 3.44
N PHE A 362 0.52 15.50 2.90
CA PHE A 362 1.86 15.49 3.47
C PHE A 362 2.52 16.87 3.39
N ALA A 363 3.24 17.24 4.46
CA ALA A 363 4.09 18.44 4.47
C ALA A 363 5.22 18.30 5.49
N GLY A 364 6.38 18.84 5.16
CA GLY A 364 7.54 18.85 6.05
C GLY A 364 8.26 20.18 6.09
N ALA A 365 9.01 20.40 7.17
CA ALA A 365 9.97 21.51 7.33
C ALA A 365 11.17 20.86 8.03
N GLY A 366 12.39 21.39 7.96
CA GLY A 366 12.74 22.78 7.82
C GLY A 366 13.34 23.14 9.17
N ILE A 367 14.13 22.20 9.74
CA ILE A 367 14.51 22.32 11.16
C ILE A 367 16.01 22.47 11.47
N VAL A 368 16.32 23.60 12.11
CA VAL A 368 17.67 23.94 12.56
C VAL A 368 17.57 24.50 13.99
N PRO A 369 18.72 24.76 14.64
CA PRO A 369 18.68 25.25 16.02
C PRO A 369 17.76 26.45 16.25
N ALA A 370 17.61 27.30 15.23
CA ALA A 370 16.84 28.54 15.37
C ALA A 370 15.33 28.40 15.10
N SER A 371 14.85 27.18 14.84
CA SER A 371 13.41 27.02 14.54
C SER A 371 12.52 26.82 15.78
N SER A 372 11.45 27.62 15.85
CA SER A 372 10.43 27.49 16.90
C SER A 372 9.37 26.47 16.50
N PRO A 373 8.99 25.57 17.43
CA PRO A 373 7.97 24.55 17.17
C PRO A 373 6.64 25.10 16.66
N LEU A 374 6.19 26.25 17.16
CA LEU A 374 4.97 26.85 16.65
C LEU A 374 5.20 27.32 15.22
N GLY A 375 6.41 27.84 14.98
CA GLY A 375 6.80 28.31 13.67
C GLY A 375 6.72 27.23 12.61
N GLU A 376 7.20 26.03 12.93
CA GLU A 376 7.25 24.92 11.97
C GLU A 376 5.89 24.24 11.80
N TRP A 377 5.18 24.04 12.91
CA TRP A 377 3.80 23.58 12.90
C TRP A 377 2.95 24.42 11.95
N ARG A 378 3.05 25.74 12.05
CA ARG A 378 2.29 26.64 11.18
C ARG A 378 2.82 26.71 9.75
N GLU A 379 4.12 26.52 9.59
CA GLU A 379 4.71 26.45 8.26
C GLU A 379 4.15 25.23 7.55
N THR A 380 4.34 24.07 8.12
CA THR A 380 3.80 22.84 7.56
C THR A 380 2.30 23.03 7.28
N GLY A 381 1.62 23.74 8.19
CA GLY A 381 0.22 24.12 8.00
C GLY A 381 -0.08 24.82 6.68
N VAL A 382 0.73 25.82 6.33
CA VAL A 382 0.53 26.56 5.08
C VAL A 382 0.87 25.71 3.85
N LYS A 383 1.89 24.87 3.99
CA LYS A 383 2.19 23.91 2.94
C LYS A 383 1.07 22.90 2.71
N LEU A 384 0.44 22.41 3.77
CA LEU A 384 -0.69 21.48 3.60
C LEU A 384 -1.87 22.13 2.90
N SER A 385 -1.96 23.45 2.96
CA SER A 385 -3.14 24.14 2.46
C SER A 385 -3.18 24.20 0.93
N THR A 386 -2.04 23.95 0.27
CA THR A 386 -2.06 23.77 -1.17
C THR A 386 -3.03 22.61 -1.46
N MET A 387 -2.82 21.47 -0.83
CA MET A 387 -3.70 20.34 -1.10
C MET A 387 -5.09 20.43 -0.43
N LEU A 388 -5.19 21.06 0.74
CA LEU A 388 -6.51 21.32 1.32
C LEU A 388 -7.37 22.20 0.41
N ASN A 389 -6.75 23.20 -0.22
CA ASN A 389 -7.47 24.09 -1.15
C ASN A 389 -8.01 23.33 -2.36
N VAL A 390 -7.25 22.38 -2.86
CA VAL A 390 -7.75 21.56 -3.94
C VAL A 390 -9.03 20.81 -3.54
N PHE A 391 -9.08 20.34 -2.29
CA PHE A 391 -10.26 19.68 -1.74
C PHE A 391 -11.37 20.63 -1.31
N GLY A 392 -11.07 21.93 -1.27
CA GLY A 392 -12.07 22.91 -0.87
C GLY A 392 -12.22 22.90 0.64
N LEU A 393 -11.11 22.66 1.34
CA LEU A 393 -11.07 22.68 2.79
C LEU A 393 -10.11 23.76 3.32
N HIS A 394 -10.13 23.97 4.63
CA HIS A 394 -9.27 24.96 5.27
C HIS A 394 -8.51 24.34 6.43
N ALA B 17 4.73 -25.50 -17.67
CA ALA B 17 5.20 -26.17 -16.41
C ALA B 17 4.53 -25.57 -15.16
N THR B 18 3.83 -26.43 -14.42
CA THR B 18 3.04 -26.00 -13.29
C THR B 18 3.71 -26.37 -11.96
N LEU B 19 3.11 -25.95 -10.85
CA LEU B 19 3.69 -26.18 -9.53
C LEU B 19 3.42 -27.61 -9.04
N ALA B 20 4.43 -28.21 -8.41
CA ALA B 20 4.26 -29.50 -7.76
C ALA B 20 3.34 -29.37 -6.55
N PRO B 21 2.36 -30.27 -6.44
CA PRO B 21 1.37 -30.24 -5.37
C PRO B 21 1.98 -30.43 -3.99
N ASN B 22 3.30 -30.58 -3.93
CA ASN B 22 4.00 -30.75 -2.66
C ASN B 22 4.88 -29.52 -2.36
N ARG B 23 4.55 -28.41 -3.01
CA ARG B 23 5.27 -27.17 -2.79
C ARG B 23 4.38 -26.06 -2.25
N PHE B 24 4.87 -25.36 -1.23
CA PHE B 24 4.19 -24.19 -0.72
C PHE B 24 4.44 -23.02 -1.66
N PHE B 25 3.39 -22.21 -1.90
CA PHE B 25 3.47 -21.03 -2.74
C PHE B 25 2.69 -19.88 -2.08
N PHE B 26 3.32 -18.71 -2.02
CA PHE B 26 2.68 -17.53 -1.42
C PHE B 26 2.93 -16.26 -2.26
N MET B 27 1.86 -15.60 -2.67
CA MET B 27 1.95 -14.45 -3.57
C MET B 27 1.36 -13.20 -2.92
N SER B 28 2.23 -12.24 -2.60
CA SER B 28 1.86 -11.10 -1.75
C SER B 28 2.64 -9.83 -2.17
N PRO B 29 2.07 -8.64 -1.89
CA PRO B 29 2.85 -7.41 -2.15
C PRO B 29 4.05 -7.33 -1.21
N TYR B 30 3.99 -8.07 -0.11
CA TYR B 30 5.08 -8.11 0.85
C TYR B 30 6.24 -9.05 0.43
N ARG B 31 6.05 -10.36 0.61
CA ARG B 31 7.03 -11.40 0.18
C ARG B 31 6.30 -12.50 -0.57
N SER B 32 6.77 -12.76 -1.79
CA SER B 32 6.29 -13.88 -2.58
C SER B 32 7.40 -14.92 -2.73
N PHE B 33 7.03 -16.18 -2.65
CA PHE B 33 8.02 -17.25 -2.73
C PHE B 33 7.38 -18.62 -2.87
N THR B 34 8.20 -19.57 -3.29
CA THR B 34 7.82 -20.98 -3.34
C THR B 34 8.77 -21.69 -2.40
N THR B 35 8.48 -22.94 -2.08
CA THR B 35 9.35 -23.68 -1.19
C THR B 35 9.64 -25.04 -1.80
N SER B 36 10.66 -25.70 -1.25
CA SER B 36 11.08 -27.02 -1.70
C SER B 36 11.40 -27.92 -0.52
N GLY B 37 10.91 -29.15 -0.61
CA GLY B 37 11.16 -30.14 0.42
C GLY B 37 10.50 -29.81 1.74
N CYS B 38 10.89 -30.56 2.76
CA CYS B 38 10.25 -30.51 4.05
C CYS B 38 11.29 -30.92 5.08
N PHE B 39 11.84 -29.96 5.81
CA PHE B 39 12.74 -30.28 6.90
C PHE B 39 12.00 -30.90 8.09
N ALA B 40 10.85 -30.33 8.44
CA ALA B 40 10.10 -30.78 9.62
C ALA B 40 8.67 -30.25 9.64
N ARG B 41 7.73 -31.14 9.94
CA ARG B 41 6.33 -30.77 10.04
C ARG B 41 6.04 -30.35 11.47
N PHE B 42 4.99 -29.56 11.65
CA PHE B 42 4.68 -28.98 12.95
C PHE B 42 3.14 -28.92 13.02
N ASP B 43 2.58 -29.73 13.90
CA ASP B 43 1.13 -29.91 13.96
C ASP B 43 0.61 -29.45 15.30
N GLU B 44 1.51 -28.95 16.13
CA GLU B 44 1.10 -28.41 17.43
C GLU B 44 -0.08 -27.44 17.23
N PRO B 45 -1.16 -27.65 18.00
CA PRO B 45 -2.28 -26.71 18.04
C PRO B 45 -1.82 -25.29 18.41
N ALA B 46 -2.35 -24.28 17.72
CA ALA B 46 -1.93 -22.90 17.93
C ALA B 46 -2.63 -22.22 19.08
N VAL B 47 -3.48 -22.97 19.81
CA VAL B 47 -4.20 -22.40 20.95
C VAL B 47 -3.24 -21.73 21.94
N ASN B 48 -3.66 -20.63 22.55
CA ASN B 48 -2.81 -19.85 23.46
C ASN B 48 -1.54 -19.33 22.81
N GLY B 49 -1.44 -19.48 21.50
CA GLY B 49 -0.24 -19.10 20.76
C GLY B 49 0.16 -17.62 20.69
N ASP B 50 -0.63 -16.76 21.33
CA ASP B 50 -0.27 -15.35 21.49
C ASP B 50 0.74 -15.17 22.64
N SER B 51 0.85 -16.17 23.51
CA SER B 51 1.84 -16.18 24.59
C SER B 51 3.14 -16.90 24.21
N PRO B 52 4.29 -16.19 24.33
CA PRO B 52 5.64 -16.75 24.18
C PRO B 52 5.90 -18.02 25.01
N ASP B 53 5.11 -18.22 26.07
CA ASP B 53 5.25 -19.38 26.96
C ASP B 53 4.34 -20.55 26.60
N SER B 54 3.39 -20.32 25.70
CA SER B 54 2.56 -21.39 25.23
C SER B 54 3.46 -22.50 24.69
N PRO B 55 3.00 -23.76 24.82
CA PRO B 55 3.69 -24.87 24.17
C PRO B 55 3.88 -24.64 22.68
N PHE B 56 2.92 -23.95 22.05
CA PHE B 56 2.99 -23.66 20.61
C PHE B 56 4.19 -22.79 20.23
N GLN B 57 4.44 -21.71 20.96
CA GLN B 57 5.61 -20.84 20.71
C GLN B 57 6.96 -21.50 21.11
N GLN B 58 6.96 -22.22 22.23
CA GLN B 58 8.15 -22.91 22.69
C GLN B 58 8.64 -23.95 21.67
N LYS B 59 7.71 -24.75 21.14
CA LYS B 59 8.05 -25.80 20.17
C LYS B 59 8.39 -25.22 18.81
N LEU B 60 7.90 -24.02 18.55
CA LEU B 60 8.15 -23.36 17.28
C LEU B 60 9.58 -22.84 17.28
N ALA B 61 9.97 -22.24 18.41
CA ALA B 61 11.32 -21.76 18.63
C ALA B 61 12.30 -22.93 18.61
N ALA B 62 12.00 -23.97 19.40
CA ALA B 62 12.81 -25.19 19.41
C ALA B 62 13.02 -25.73 18.00
N LEU B 63 11.98 -25.67 17.18
CA LEU B 63 12.07 -26.19 15.82
C LEU B 63 12.90 -25.31 14.89
N PHE B 64 12.96 -24.00 15.18
CA PHE B 64 13.77 -23.09 14.38
C PHE B 64 15.24 -23.27 14.72
N ALA B 65 15.51 -23.51 16.00
CA ALA B 65 16.85 -23.80 16.51
C ALA B 65 17.41 -25.09 15.90
N ASP B 66 16.54 -26.08 15.75
CA ASP B 66 16.87 -27.34 15.07
C ASP B 66 17.27 -27.10 13.64
N ALA B 67 16.40 -26.41 12.91
CA ALA B 67 16.63 -26.14 11.51
C ALA B 67 17.96 -25.41 11.27
N LYS B 68 18.36 -24.59 12.24
CA LYS B 68 19.64 -23.89 12.17
C LYS B 68 20.79 -24.84 12.44
N ALA B 69 20.63 -25.70 13.45
CA ALA B 69 21.66 -26.65 13.86
C ALA B 69 21.97 -27.69 12.78
N GLN B 70 21.01 -27.94 11.88
CA GLN B 70 21.23 -28.84 10.77
C GLN B 70 21.65 -28.03 9.55
N GLY B 71 21.94 -26.76 9.79
CA GLY B 71 22.45 -25.86 8.76
C GLY B 71 21.47 -25.41 7.70
N ILE B 72 20.20 -25.25 8.07
CA ILE B 72 19.20 -24.70 7.16
C ILE B 72 19.28 -23.17 7.17
N LYS B 73 19.53 -22.60 5.99
CA LYS B 73 19.87 -21.19 5.90
C LYS B 73 18.60 -20.34 5.74
N ASN B 74 18.26 -19.61 6.81
CA ASN B 74 17.08 -18.75 6.83
C ASN B 74 15.78 -19.54 6.89
N PRO B 75 15.52 -20.24 8.00
CA PRO B 75 14.33 -21.10 8.04
C PRO B 75 13.00 -20.33 8.15
N VAL B 76 11.99 -20.79 7.40
CA VAL B 76 10.62 -20.30 7.53
C VAL B 76 9.64 -21.39 7.95
N MET B 77 8.62 -21.01 8.73
CA MET B 77 7.50 -21.88 9.06
C MET B 77 6.33 -21.45 8.16
N VAL B 78 5.92 -22.35 7.27
CA VAL B 78 4.84 -22.07 6.33
C VAL B 78 3.66 -23.02 6.54
N GLY B 79 2.50 -22.63 5.99
CA GLY B 79 1.31 -23.45 6.08
C GLY B 79 0.05 -22.74 6.60
N ALA B 80 -0.77 -23.51 7.30
CA ALA B 80 -2.11 -23.09 7.61
C ALA B 80 -2.47 -23.50 9.02
N ILE B 81 -3.16 -22.61 9.72
CA ILE B 81 -3.66 -22.91 11.05
C ILE B 81 -5.19 -22.94 11.00
N PRO B 82 -5.83 -23.91 11.69
CA PRO B 82 -7.27 -24.02 11.55
C PRO B 82 -8.09 -22.94 12.24
N PHE B 83 -9.32 -22.77 11.77
CA PHE B 83 -10.26 -21.88 12.43
C PHE B 83 -10.26 -22.07 13.96
N ASP B 84 -10.42 -23.31 14.40
CA ASP B 84 -10.39 -23.61 15.84
C ASP B 84 -8.96 -24.05 16.20
N PRO B 85 -8.20 -23.20 16.91
CA PRO B 85 -6.77 -23.42 17.14
C PRO B 85 -6.43 -24.51 18.16
N ARG B 86 -7.46 -25.18 18.68
CA ARG B 86 -7.28 -26.35 19.53
C ARG B 86 -6.99 -27.55 18.66
N GLN B 87 -7.42 -27.49 17.41
CA GLN B 87 -7.17 -28.53 16.43
C GLN B 87 -5.73 -28.40 15.94
N PRO B 88 -5.10 -29.51 15.51
CA PRO B 88 -3.73 -29.49 14.99
C PRO B 88 -3.47 -28.61 13.76
N SER B 89 -2.23 -28.11 13.64
CA SER B 89 -1.86 -27.18 12.58
C SER B 89 -1.35 -27.88 11.36
N SER B 90 -1.30 -27.16 10.25
CA SER B 90 -0.69 -27.66 9.04
C SER B 90 0.53 -26.84 8.66
N LEU B 91 1.47 -26.75 9.59
CA LEU B 91 2.68 -25.97 9.38
C LEU B 91 3.90 -26.86 9.08
N TYR B 92 4.90 -26.32 8.39
CA TYR B 92 6.17 -27.02 8.21
C TYR B 92 7.29 -26.11 7.75
N ILE B 93 8.51 -26.45 8.14
CA ILE B 93 9.71 -25.82 7.60
C ILE B 93 10.15 -26.53 6.36
N PRO B 94 10.19 -25.81 5.23
CA PRO B 94 10.72 -26.46 4.05
C PRO B 94 12.26 -26.56 4.13
N GLU B 95 12.86 -27.29 3.20
CA GLU B 95 14.30 -27.38 3.14
C GLU B 95 14.82 -26.11 2.50
N SER B 96 14.01 -25.54 1.61
CA SER B 96 14.43 -24.48 0.74
C SER B 96 13.26 -23.52 0.43
N TRP B 97 13.57 -22.25 0.19
CA TRP B 97 12.55 -21.30 -0.28
C TRP B 97 13.12 -20.35 -1.33
N GLN B 98 12.33 -20.03 -2.35
CA GLN B 98 12.83 -19.28 -3.51
C GLN B 98 11.89 -18.12 -3.86
N SER B 99 12.29 -16.91 -3.52
CA SER B 99 11.42 -15.76 -3.73
C SER B 99 11.17 -15.48 -5.21
N PHE B 100 10.07 -14.80 -5.50
CA PHE B 100 9.75 -14.46 -6.89
C PHE B 100 9.13 -13.06 -7.03
N SER B 101 9.03 -12.61 -8.28
CA SER B 101 8.46 -11.32 -8.59
C SER B 101 6.95 -11.46 -8.73
N ARG B 102 6.20 -10.89 -7.79
CA ARG B 102 4.75 -10.90 -7.88
C ARG B 102 4.28 -10.33 -9.21
N GLN B 103 4.84 -9.18 -9.59
CA GLN B 103 4.46 -8.53 -10.86
C GLN B 103 4.74 -9.41 -12.07
N GLU B 104 5.91 -10.06 -12.09
CA GLU B 104 6.24 -11.01 -13.14
C GLU B 104 5.22 -12.13 -13.21
N LYS B 105 4.96 -12.76 -12.06
CA LYS B 105 4.01 -13.87 -11.97
C LYS B 105 2.59 -13.49 -12.42
N GLN B 106 2.18 -12.25 -12.16
CA GLN B 106 0.87 -11.79 -12.63
C GLN B 106 0.78 -11.89 -14.14
N ALA B 107 1.86 -11.45 -14.81
CA ALA B 107 1.96 -11.54 -16.28
C ALA B 107 2.03 -12.99 -16.78
N SER B 108 2.97 -13.76 -16.25
CA SER B 108 3.10 -15.17 -16.64
C SER B 108 1.72 -15.82 -16.66
N ALA B 109 1.08 -15.85 -15.49
CA ALA B 109 -0.18 -16.59 -15.30
C ALA B 109 -1.23 -16.24 -16.33
N ARG B 110 -1.25 -14.99 -16.77
CA ARG B 110 -2.26 -14.55 -17.71
C ARG B 110 -2.09 -15.20 -19.09
N ARG B 111 -0.84 -15.40 -19.51
CA ARG B 111 -0.56 -16.17 -20.72
C ARG B 111 -1.03 -17.62 -20.56
N PHE B 112 -0.23 -18.43 -19.87
CA PHE B 112 -0.58 -19.81 -19.58
C PHE B 112 -2.02 -20.16 -19.99
N THR B 113 -2.17 -20.76 -21.16
CA THR B 113 -3.50 -21.06 -21.72
C THR B 113 -3.91 -22.48 -21.43
N ARG B 114 -2.92 -23.38 -21.43
CA ARG B 114 -3.13 -24.80 -21.18
C ARG B 114 -3.94 -25.07 -19.91
N SER B 115 -5.03 -25.84 -20.05
CA SER B 115 -5.87 -26.19 -18.91
C SER B 115 -6.17 -27.70 -18.90
N GLN B 116 -7.00 -28.13 -17.97
CA GLN B 116 -7.33 -29.54 -17.81
C GLN B 116 -8.84 -29.72 -17.76
N SER B 117 -9.41 -30.34 -18.78
CA SER B 117 -10.87 -30.52 -18.84
C SER B 117 -11.37 -31.44 -17.73
N LEU B 118 -12.30 -30.94 -16.91
CA LEU B 118 -12.90 -31.74 -15.86
C LEU B 118 -14.36 -32.00 -16.17
N ASN B 119 -14.86 -33.14 -15.70
CA ASN B 119 -16.29 -33.39 -15.75
C ASN B 119 -16.81 -33.56 -14.34
N VAL B 120 -17.66 -32.63 -13.94
CA VAL B 120 -18.22 -32.68 -12.60
C VAL B 120 -19.27 -33.78 -12.50
N VAL B 121 -18.99 -34.77 -11.68
CA VAL B 121 -19.87 -35.92 -11.51
C VAL B 121 -20.96 -35.59 -10.51
N GLU B 122 -20.57 -34.95 -9.41
CA GLU B 122 -21.54 -34.53 -8.43
C GLU B 122 -21.21 -33.14 -7.87
N ARG B 123 -22.26 -32.36 -7.67
CA ARG B 123 -22.15 -31.03 -7.09
C ARG B 123 -23.16 -30.91 -5.95
N GLN B 124 -22.71 -30.46 -4.79
CA GLN B 124 -23.56 -30.48 -3.63
C GLN B 124 -23.27 -29.30 -2.69
N ALA B 125 -24.31 -28.53 -2.44
CA ALA B 125 -24.30 -27.43 -1.50
C ALA B 125 -24.59 -28.00 -0.14
N ILE B 126 -23.67 -27.77 0.82
CA ILE B 126 -23.84 -28.14 2.24
C ILE B 126 -23.74 -26.97 3.26
N PRO B 127 -24.85 -26.62 3.91
CA PRO B 127 -26.18 -27.15 3.64
C PRO B 127 -26.83 -26.46 2.43
N GLU B 128 -28.08 -26.82 2.20
CA GLU B 128 -28.85 -26.27 1.11
C GLU B 128 -29.59 -25.02 1.56
N GLN B 129 -30.23 -24.35 0.60
CA GLN B 129 -30.67 -22.96 0.77
C GLN B 129 -31.59 -22.75 1.95
N THR B 130 -32.70 -23.47 2.01
CA THR B 130 -33.62 -23.31 3.10
C THR B 130 -33.00 -23.59 4.48
N THR B 131 -32.19 -24.64 4.58
CA THR B 131 -31.49 -24.92 5.84
C THR B 131 -30.55 -23.77 6.24
N PHE B 132 -29.75 -23.29 5.28
CA PHE B 132 -28.84 -22.20 5.56
C PHE B 132 -29.54 -20.92 6.01
N GLU B 133 -30.67 -20.65 5.37
CA GLU B 133 -31.49 -19.51 5.74
C GLU B 133 -32.13 -19.64 7.10
N GLN B 134 -32.52 -20.86 7.45
CA GLN B 134 -33.04 -21.09 8.80
C GLN B 134 -31.94 -20.86 9.84
N MET B 135 -30.71 -21.26 9.53
CA MET B 135 -29.56 -20.94 10.41
C MET B 135 -29.37 -19.43 10.60
N VAL B 136 -29.35 -18.67 9.49
CA VAL B 136 -29.22 -17.22 9.53
C VAL B 136 -30.31 -16.60 10.38
N ALA B 137 -31.53 -17.06 10.16
CA ALA B 137 -32.67 -16.50 10.87
C ALA B 137 -32.50 -16.75 12.37
N ARG B 138 -32.04 -17.94 12.70
CA ARG B 138 -31.78 -18.30 14.10
C ARG B 138 -30.67 -17.42 14.73
N ALA B 139 -29.56 -17.21 14.02
CA ALA B 139 -28.48 -16.36 14.49
C ALA B 139 -28.90 -14.91 14.59
N ALA B 140 -29.64 -14.43 13.59
CA ALA B 140 -30.07 -13.05 13.61
C ALA B 140 -30.97 -12.77 14.81
N ALA B 141 -31.80 -13.73 15.17
CA ALA B 141 -32.66 -13.58 16.35
C ALA B 141 -31.79 -13.51 17.60
N LEU B 142 -30.76 -14.34 17.65
CA LEU B 142 -29.85 -14.39 18.79
C LEU B 142 -29.01 -13.13 18.96
N THR B 143 -28.60 -12.52 17.85
CA THR B 143 -27.77 -11.29 17.89
C THR B 143 -28.56 -10.07 18.36
N ALA B 144 -29.89 -10.20 18.36
CA ALA B 144 -30.80 -9.18 18.85
C ALA B 144 -31.03 -9.26 20.38
N THR B 145 -30.65 -10.37 20.99
CA THR B 145 -30.64 -10.51 22.44
C THR B 145 -29.25 -10.10 22.94
N PRO B 146 -29.06 -9.97 24.27
CA PRO B 146 -27.76 -9.56 24.79
C PRO B 146 -26.71 -10.68 24.84
N GLN B 147 -27.08 -11.90 24.45
CA GLN B 147 -26.15 -13.02 24.42
C GLN B 147 -25.00 -12.88 23.41
N VAL B 148 -25.22 -12.13 22.34
CA VAL B 148 -24.25 -12.09 21.26
C VAL B 148 -24.60 -10.98 20.29
N ASP B 149 -23.61 -10.45 19.58
CA ASP B 149 -23.82 -9.31 18.71
C ASP B 149 -23.62 -9.64 17.24
N LYS B 150 -22.73 -10.59 16.96
CA LYS B 150 -22.44 -10.97 15.60
C LYS B 150 -22.01 -12.41 15.63
N VAL B 151 -22.54 -13.17 14.67
CA VAL B 151 -22.12 -14.57 14.45
C VAL B 151 -21.88 -14.71 12.95
N VAL B 152 -20.73 -15.25 12.61
CA VAL B 152 -20.42 -15.56 11.21
C VAL B 152 -20.79 -17.01 10.91
N LEU B 153 -21.69 -17.19 9.94
CA LEU B 153 -22.11 -18.53 9.51
C LEU B 153 -21.64 -18.82 8.10
N SER B 154 -21.28 -20.08 7.87
CA SER B 154 -20.72 -20.45 6.58
C SER B 154 -21.39 -21.66 5.93
N ARG B 155 -21.00 -21.92 4.69
CA ARG B 155 -21.54 -23.05 3.96
C ARG B 155 -20.51 -23.57 2.96
N LEU B 156 -20.81 -24.74 2.39
CA LEU B 156 -19.89 -25.50 1.55
C LEU B 156 -20.52 -25.85 0.22
N ILE B 157 -19.67 -25.98 -0.78
CA ILE B 157 -20.02 -26.69 -1.99
C ILE B 157 -19.02 -27.83 -2.22
N ASP B 158 -19.51 -29.07 -2.21
CA ASP B 158 -18.69 -30.24 -2.54
C ASP B 158 -18.76 -30.57 -4.01
N ILE B 159 -17.60 -30.77 -4.62
CA ILE B 159 -17.57 -31.20 -6.00
C ILE B 159 -16.75 -32.49 -6.19
N THR B 160 -17.37 -33.52 -6.75
CA THR B 160 -16.67 -34.76 -7.12
C THR B 160 -16.54 -34.76 -8.62
N THR B 161 -15.33 -34.91 -9.14
CA THR B 161 -15.11 -34.93 -10.60
C THR B 161 -14.76 -36.32 -11.15
N ASP B 162 -14.54 -36.37 -12.46
CA ASP B 162 -14.26 -37.60 -13.21
C ASP B 162 -12.91 -38.26 -12.86
N ALA B 163 -11.86 -37.43 -12.81
CA ALA B 163 -10.52 -37.89 -12.43
C ALA B 163 -9.88 -36.91 -11.45
N ALA B 164 -8.67 -37.25 -10.98
CA ALA B 164 -7.94 -36.39 -10.07
C ALA B 164 -7.73 -35.01 -10.66
N ILE B 165 -7.70 -33.99 -9.79
CA ILE B 165 -7.53 -32.61 -10.22
C ILE B 165 -6.05 -32.22 -10.14
N ASP B 166 -5.55 -31.58 -11.19
CA ASP B 166 -4.20 -31.04 -11.18
C ASP B 166 -4.24 -29.69 -10.48
N SER B 167 -3.54 -29.58 -9.37
CA SER B 167 -3.57 -28.38 -8.54
C SER B 167 -2.72 -27.25 -9.12
N GLY B 168 -1.60 -27.60 -9.73
CA GLY B 168 -0.65 -26.60 -10.23
C GLY B 168 -1.18 -25.78 -11.39
N VAL B 169 -2.09 -26.37 -12.16
CA VAL B 169 -2.67 -25.74 -13.33
C VAL B 169 -3.90 -24.94 -12.91
N LEU B 170 -4.60 -25.47 -11.90
CA LEU B 170 -5.72 -24.78 -11.30
C LEU B 170 -5.20 -23.50 -10.66
N LEU B 171 -4.01 -23.60 -10.05
CA LEU B 171 -3.34 -22.46 -9.42
C LEU B 171 -3.08 -21.33 -10.40
N GLU B 172 -2.85 -21.68 -11.67
CA GLU B 172 -2.49 -20.71 -12.68
C GLU B 172 -3.70 -19.88 -13.10
N ARG B 173 -4.84 -20.53 -13.31
CA ARG B 173 -6.09 -19.83 -13.58
C ARG B 173 -6.54 -18.93 -12.42
N LEU B 174 -6.26 -19.37 -11.20
CA LEU B 174 -6.53 -18.60 -10.01
C LEU B 174 -5.73 -17.27 -9.98
N ILE B 175 -4.42 -17.33 -10.23
CA ILE B 175 -3.63 -16.11 -10.32
C ILE B 175 -4.14 -15.25 -11.45
N ALA B 176 -4.61 -15.89 -12.50
CA ALA B 176 -5.00 -15.15 -13.68
C ALA B 176 -6.25 -14.34 -13.39
N GLN B 177 -7.24 -14.98 -12.77
CA GLN B 177 -8.51 -14.34 -12.44
C GLN B 177 -8.40 -13.43 -11.20
N ASN B 178 -7.36 -13.62 -10.40
CA ASN B 178 -7.16 -12.92 -9.13
C ASN B 178 -5.73 -12.42 -8.94
N PRO B 179 -5.25 -11.53 -9.84
CA PRO B 179 -3.87 -11.00 -9.82
C PRO B 179 -3.39 -10.29 -8.53
N VAL B 180 -4.28 -9.53 -7.87
CA VAL B 180 -3.80 -8.69 -6.77
C VAL B 180 -4.01 -9.24 -5.36
N SER B 181 -4.68 -10.38 -5.26
CA SER B 181 -4.99 -10.94 -3.93
C SER B 181 -3.85 -11.76 -3.33
N TYR B 182 -3.98 -12.13 -2.05
CA TYR B 182 -3.02 -13.00 -1.41
C TYR B 182 -3.33 -14.41 -1.87
N ASN B 183 -2.64 -14.84 -2.92
CA ASN B 183 -2.85 -16.16 -3.48
C ASN B 183 -1.90 -17.19 -2.87
N PHE B 184 -2.45 -18.34 -2.50
CA PHE B 184 -1.70 -19.35 -1.76
C PHE B 184 -2.02 -20.75 -2.24
N HIS B 185 -1.13 -21.68 -1.90
CA HIS B 185 -1.21 -23.04 -2.37
C HIS B 185 -0.43 -23.78 -1.32
N VAL B 186 -1.12 -24.45 -0.41
CA VAL B 186 -0.41 -25.15 0.66
C VAL B 186 -0.61 -26.68 0.63
N PRO B 187 0.49 -27.41 0.47
CA PRO B 187 0.48 -28.87 0.56
C PRO B 187 0.03 -29.32 1.95
N LEU B 188 -0.83 -30.33 2.01
CA LEU B 188 -1.36 -30.79 3.28
C LEU B 188 -0.78 -32.15 3.70
N ALA B 189 -0.47 -32.32 4.97
CA ALA B 189 -0.01 -33.62 5.44
C ALA B 189 -1.25 -34.47 5.44
N ASP B 190 -1.19 -35.61 4.78
CA ASP B 190 -2.37 -36.46 4.59
C ASP B 190 -2.95 -36.22 3.22
N GLY B 191 -2.14 -35.63 2.35
CA GLY B 191 -2.48 -35.54 0.93
C GLY B 191 -3.43 -34.42 0.61
N GLY B 192 -3.26 -33.84 -0.58
CA GLY B 192 -4.13 -32.77 -1.00
C GLY B 192 -3.60 -31.37 -0.74
N VAL B 193 -4.32 -30.38 -1.28
CA VAL B 193 -3.88 -29.01 -1.30
C VAL B 193 -4.99 -28.01 -0.85
N LEU B 194 -4.60 -27.05 0.00
CA LEU B 194 -5.40 -25.87 0.26
C LEU B 194 -4.96 -24.75 -0.67
N LEU B 195 -5.92 -24.19 -1.39
CA LEU B 195 -5.67 -23.27 -2.46
C LEU B 195 -6.61 -22.06 -2.35
N GLY B 196 -6.17 -20.86 -2.71
CA GLY B 196 -7.08 -19.74 -2.64
C GLY B 196 -6.54 -18.36 -2.92
N ALA B 197 -7.47 -17.42 -3.06
CA ALA B 197 -7.21 -16.04 -3.43
C ALA B 197 -7.89 -15.13 -2.39
N SER B 198 -7.19 -14.91 -1.29
CA SER B 198 -7.73 -14.18 -0.15
C SER B 198 -7.49 -12.66 -0.20
N PRO B 199 -8.55 -11.86 0.00
CA PRO B 199 -8.38 -10.42 0.04
C PRO B 199 -8.08 -9.91 1.47
N GLU B 200 -8.11 -10.79 2.46
CA GLU B 200 -8.05 -10.34 3.82
C GLU B 200 -6.74 -10.60 4.51
N LEU B 201 -6.01 -9.51 4.80
CA LEU B 201 -4.78 -9.60 5.55
C LEU B 201 -5.11 -9.59 7.04
N LEU B 202 -4.62 -10.60 7.75
CA LEU B 202 -4.85 -10.70 9.18
C LEU B 202 -3.70 -10.03 9.95
N LEU B 203 -2.46 -10.35 9.57
CA LEU B 203 -1.28 -9.76 10.23
C LEU B 203 -0.01 -9.82 9.42
N ARG B 204 0.52 -8.65 9.07
CA ARG B 204 1.86 -8.55 8.50
C ARG B 204 2.80 -7.93 9.53
N LYS B 205 3.95 -8.55 9.72
CA LYS B 205 4.97 -8.00 10.60
C LYS B 205 6.31 -7.81 9.88
N ASP B 206 6.91 -6.63 10.12
CA ASP B 206 8.22 -6.27 9.58
C ASP B 206 8.98 -5.48 10.64
N GLY B 207 10.08 -6.05 11.12
CA GLY B 207 10.71 -5.52 12.32
C GLY B 207 9.65 -5.31 13.37
N GLU B 208 9.70 -4.17 14.04
CA GLU B 208 8.78 -3.85 15.13
C GLU B 208 7.39 -3.44 14.64
N ARG B 209 7.24 -3.25 13.33
CA ARG B 209 5.96 -2.81 12.74
C ARG B 209 5.06 -3.96 12.26
N PHE B 210 3.77 -3.83 12.57
CA PHE B 210 2.79 -4.75 12.03
C PHE B 210 1.58 -4.04 11.41
N SER B 211 0.84 -4.76 10.57
CA SER B 211 -0.45 -4.30 10.17
C SER B 211 -1.48 -5.43 9.96
N SER B 212 -2.75 -5.03 9.86
CA SER B 212 -3.85 -5.94 9.73
C SER B 212 -4.85 -5.13 8.95
N ILE B 213 -5.46 -5.74 7.93
CA ILE B 213 -6.50 -5.03 7.18
C ILE B 213 -7.80 -5.82 7.09
N PRO B 214 -8.58 -5.78 8.16
CA PRO B 214 -9.89 -6.42 8.28
C PRO B 214 -10.95 -5.95 7.26
N LEU B 215 -11.65 -6.93 6.72
CA LEU B 215 -12.76 -6.74 5.81
C LEU B 215 -14.00 -7.24 6.52
N ALA B 216 -15.11 -6.56 6.34
CA ALA B 216 -16.46 -7.09 6.61
C ALA B 216 -17.46 -6.09 6.02
N GLY B 217 -18.48 -6.59 5.35
CA GLY B 217 -19.45 -5.75 4.64
C GLY B 217 -19.17 -5.91 3.16
N SER B 218 -20.17 -6.27 2.37
CA SER B 218 -19.95 -6.67 0.97
C SER B 218 -21.05 -6.19 0.04
N ALA B 219 -20.70 -5.93 -1.22
CA ALA B 219 -21.69 -5.69 -2.30
C ALA B 219 -21.13 -6.19 -3.62
N ARG B 220 -21.99 -6.63 -4.50
CA ARG B 220 -21.57 -7.23 -5.76
C ARG B 220 -20.94 -6.14 -6.65
N ARG B 221 -19.80 -6.43 -7.26
CA ARG B 221 -19.30 -5.58 -8.36
C ARG B 221 -20.29 -5.62 -9.51
N GLN B 222 -20.26 -4.57 -10.33
CA GLN B 222 -21.12 -4.46 -11.52
C GLN B 222 -20.24 -4.32 -12.77
N PRO B 223 -20.69 -4.89 -13.90
CA PRO B 223 -19.92 -4.76 -15.15
C PRO B 223 -19.91 -3.33 -15.68
N ASP B 224 -21.07 -2.68 -15.65
CA ASP B 224 -21.16 -1.27 -15.97
C ASP B 224 -20.36 -0.37 -14.98
N GLU B 225 -19.47 0.44 -15.53
CA GLU B 225 -18.58 1.29 -14.75
C GLU B 225 -19.28 2.33 -13.85
N VAL B 226 -20.37 2.93 -14.32
CA VAL B 226 -21.14 3.87 -13.50
C VAL B 226 -21.90 3.15 -12.35
N LEU B 227 -22.64 2.11 -12.69
CA LEU B 227 -23.34 1.30 -11.69
C LEU B 227 -22.41 0.67 -10.63
N ASP B 228 -21.23 0.23 -11.04
CA ASP B 228 -20.23 -0.34 -10.17
C ASP B 228 -19.78 0.68 -9.13
N ARG B 229 -19.50 1.89 -9.61
CA ARG B 229 -19.11 2.99 -8.74
C ARG B 229 -20.26 3.30 -7.76
N GLU B 230 -21.49 3.18 -8.24
CA GLU B 230 -22.63 3.40 -7.38
C GLU B 230 -22.80 2.34 -6.30
N ALA B 231 -22.51 1.08 -6.65
CA ALA B 231 -22.55 -0.04 -5.71
C ALA B 231 -21.52 0.19 -4.62
N GLY B 232 -20.30 0.57 -5.01
CA GLY B 232 -19.27 0.92 -4.04
C GLY B 232 -19.71 1.94 -3.01
N ASN B 233 -20.24 3.07 -3.51
CA ASN B 233 -20.63 4.19 -2.68
C ASN B 233 -21.81 3.87 -1.78
N ARG B 234 -22.72 3.07 -2.32
CA ARG B 234 -23.86 2.61 -1.57
C ARG B 234 -23.47 1.72 -0.38
N LEU B 235 -22.34 1.00 -0.51
CA LEU B 235 -21.88 0.13 0.56
C LEU B 235 -21.32 0.99 1.71
N LEU B 236 -20.57 2.04 1.37
CA LEU B 236 -20.10 2.97 2.40
C LEU B 236 -21.24 3.54 3.23
N ALA B 237 -22.41 3.68 2.61
CA ALA B 237 -23.56 4.24 3.29
C ALA B 237 -24.52 3.19 3.88
N SER B 238 -24.21 1.92 3.72
CA SER B 238 -25.05 0.83 4.21
C SER B 238 -24.99 0.68 5.74
N GLU B 239 -26.03 1.12 6.43
CA GLU B 239 -26.16 0.97 7.88
C GLU B 239 -25.79 -0.46 8.33
N LYS B 240 -26.47 -1.43 7.73
CA LYS B 240 -26.26 -2.86 8.04
C LYS B 240 -24.81 -3.26 7.85
N ASP B 241 -24.21 -2.92 6.71
CA ASP B 241 -22.82 -3.34 6.43
C ASP B 241 -21.82 -2.54 7.24
N ARG B 242 -22.13 -1.28 7.52
CA ARG B 242 -21.27 -0.48 8.41
C ARG B 242 -21.28 -0.99 9.87
N HIS B 243 -22.45 -1.37 10.36
CA HIS B 243 -22.57 -1.99 11.68
C HIS B 243 -21.76 -3.31 11.76
N GLU B 244 -21.98 -4.18 10.79
CA GLU B 244 -21.23 -5.41 10.62
C GLU B 244 -19.70 -5.18 10.64
N HIS B 245 -19.23 -4.09 10.04
CA HIS B 245 -17.82 -3.79 9.93
C HIS B 245 -17.26 -3.23 11.25
N GLU B 246 -18.05 -2.37 11.85
CA GLU B 246 -17.73 -1.73 13.13
C GLU B 246 -17.52 -2.77 14.23
N LEU B 247 -18.35 -3.80 14.25
CA LEU B 247 -18.20 -4.84 15.25
C LEU B 247 -16.82 -5.47 15.15
N VAL B 248 -16.26 -5.50 13.95
CA VAL B 248 -14.95 -6.15 13.74
C VAL B 248 -13.81 -5.30 14.24
N THR B 249 -13.80 -4.04 13.83
CA THR B 249 -12.65 -3.17 14.09
C THR B 249 -12.58 -2.76 15.56
N GLN B 250 -13.75 -2.60 16.17
CA GLN B 250 -13.88 -2.26 17.58
C GLN B 250 -13.30 -3.35 18.51
N ALA B 251 -13.57 -4.62 18.19
CA ALA B 251 -13.06 -5.74 18.96
C ALA B 251 -11.53 -5.78 18.87
N MET B 252 -11.05 -5.67 17.64
CA MET B 252 -9.64 -5.72 17.35
C MET B 252 -8.88 -4.62 18.07
N LYS B 253 -9.43 -3.41 18.12
CA LYS B 253 -8.79 -2.31 18.88
C LYS B 253 -8.60 -2.71 20.33
N GLU B 254 -9.65 -3.27 20.93
CA GLU B 254 -9.60 -3.69 22.33
C GLU B 254 -8.53 -4.77 22.59
N VAL B 255 -8.40 -5.71 21.67
CA VAL B 255 -7.50 -6.86 21.80
C VAL B 255 -6.03 -6.40 21.66
N LEU B 256 -5.83 -5.38 20.86
CA LEU B 256 -4.50 -4.81 20.60
C LEU B 256 -4.08 -3.80 21.68
N ARG B 257 -5.01 -3.42 22.55
CA ARG B 257 -4.83 -2.27 23.43
C ARG B 257 -3.54 -2.36 24.26
N GLU B 258 -3.41 -3.40 25.07
CA GLU B 258 -2.22 -3.58 25.89
C GLU B 258 -1.21 -4.56 25.28
N ARG B 259 -1.14 -4.60 23.95
CA ARG B 259 -0.28 -5.56 23.26
C ARG B 259 0.45 -4.88 22.11
N SER B 260 0.30 -3.56 22.04
CA SER B 260 0.88 -2.82 20.94
C SER B 260 1.07 -1.36 21.35
N SER B 261 1.74 -0.57 20.51
CA SER B 261 1.86 0.84 20.78
C SER B 261 1.84 1.59 19.46
N GLU B 262 1.63 2.89 19.54
CA GLU B 262 1.58 3.76 18.37
C GLU B 262 0.61 3.24 17.31
N LEU B 263 -0.52 2.71 17.81
CA LEU B 263 -1.50 2.02 16.97
C LEU B 263 -2.42 3.03 16.25
N HIS B 264 -2.38 3.02 14.91
CA HIS B 264 -3.23 3.90 14.13
C HIS B 264 -4.32 3.13 13.37
N VAL B 265 -5.57 3.52 13.59
CA VAL B 265 -6.67 2.97 12.83
C VAL B 265 -7.72 4.03 12.51
N PRO B 266 -8.07 4.16 11.22
CA PRO B 266 -9.07 5.15 10.83
C PRO B 266 -10.43 4.78 11.45
N SER B 267 -11.25 5.77 11.75
CA SER B 267 -12.51 5.49 12.42
C SER B 267 -13.61 5.24 11.44
N SER B 268 -13.34 5.43 10.15
CA SER B 268 -14.28 5.09 9.08
C SER B 268 -13.61 4.20 8.04
N PRO B 269 -14.34 3.20 7.53
CA PRO B 269 -13.69 2.30 6.55
C PRO B 269 -13.55 2.91 5.14
N GLN B 270 -12.68 2.29 4.33
CA GLN B 270 -12.54 2.61 2.91
C GLN B 270 -12.91 1.39 2.06
N LEU B 271 -13.30 1.64 0.81
CA LEU B 271 -13.59 0.58 -0.12
C LEU B 271 -12.36 -0.14 -0.67
N ILE B 272 -12.47 -1.46 -0.83
CA ILE B 272 -11.51 -2.24 -1.64
C ILE B 272 -12.32 -3.17 -2.59
N THR B 273 -11.66 -3.80 -3.56
CA THR B 273 -12.36 -4.63 -4.50
C THR B 273 -11.63 -5.94 -4.68
N THR B 274 -12.43 -6.97 -5.02
CA THR B 274 -11.92 -8.17 -5.67
C THR B 274 -12.64 -8.18 -7.01
N PRO B 275 -12.30 -9.12 -7.92
CA PRO B 275 -13.06 -9.19 -9.16
C PRO B 275 -14.58 -9.30 -8.98
N THR B 276 -15.03 -9.82 -7.83
CA THR B 276 -16.47 -10.09 -7.63
C THR B 276 -17.20 -9.17 -6.66
N LEU B 277 -16.46 -8.58 -5.72
CA LEU B 277 -17.08 -7.90 -4.60
C LEU B 277 -16.44 -6.57 -4.25
N TRP B 278 -17.26 -5.64 -3.76
CA TRP B 278 -16.75 -4.54 -2.98
C TRP B 278 -16.73 -5.00 -1.52
N HIS B 279 -15.72 -4.59 -0.77
CA HIS B 279 -15.67 -4.80 0.68
C HIS B 279 -15.31 -3.50 1.38
N LEU B 280 -15.76 -3.38 2.63
CA LEU B 280 -15.31 -2.34 3.55
C LEU B 280 -14.04 -2.82 4.23
N ALA B 281 -13.00 -1.97 4.25
CA ALA B 281 -11.68 -2.32 4.78
C ALA B 281 -11.19 -1.28 5.76
N THR B 282 -10.48 -1.71 6.81
CA THR B 282 -9.93 -0.76 7.78
C THR B 282 -8.53 -1.18 8.17
N PRO B 283 -7.51 -0.43 7.70
CA PRO B 283 -6.13 -0.76 7.98
C PRO B 283 -5.66 -0.37 9.38
N PHE B 284 -5.10 -1.34 10.11
CA PHE B 284 -4.51 -1.11 11.40
C PHE B 284 -2.99 -1.06 11.16
N GLU B 285 -2.31 -0.13 11.82
CA GLU B 285 -0.84 -0.11 11.85
C GLU B 285 -0.34 0.23 13.23
N GLY B 286 0.50 -0.63 13.81
CA GLY B 286 1.05 -0.37 15.13
C GLY B 286 2.50 -0.79 15.23
N LYS B 287 3.00 -0.85 16.46
CA LYS B 287 4.34 -1.32 16.77
C LYS B 287 4.24 -2.39 17.84
N ALA B 288 4.97 -3.47 17.64
CA ALA B 288 4.94 -4.58 18.59
C ALA B 288 6.11 -4.57 19.54
N ASN B 289 5.81 -4.80 20.82
CA ASN B 289 6.81 -5.14 21.81
C ASN B 289 7.75 -6.23 21.27
N SER B 290 8.99 -6.25 21.75
CA SER B 290 9.96 -7.22 21.22
C SER B 290 9.68 -8.65 21.69
N GLN B 291 8.67 -8.83 22.52
CA GLN B 291 8.25 -10.17 22.91
C GLN B 291 7.21 -10.79 21.95
N GLU B 292 6.99 -10.13 20.82
CA GLU B 292 6.01 -10.55 19.81
C GLU B 292 6.75 -11.00 18.56
N ASN B 293 6.11 -11.91 17.84
CA ASN B 293 6.51 -12.29 16.48
C ASN B 293 5.26 -12.26 15.60
N ALA B 294 5.40 -12.60 14.32
CA ALA B 294 4.24 -12.58 13.43
C ALA B 294 3.10 -13.49 13.93
N LEU B 295 3.46 -14.53 14.66
CA LEU B 295 2.50 -15.56 15.05
C LEU B 295 1.82 -15.26 16.39
N THR B 296 2.52 -14.57 17.29
CA THR B 296 1.89 -14.16 18.56
C THR B 296 0.77 -13.18 18.26
N LEU B 297 1.03 -12.26 17.34
CA LEU B 297 0.05 -11.25 16.96
C LEU B 297 -1.08 -11.84 16.11
N ALA B 298 -0.77 -12.79 15.25
CA ALA B 298 -1.79 -13.41 14.43
C ALA B 298 -2.75 -14.22 15.31
N CYS B 299 -2.20 -15.01 16.24
CA CYS B 299 -3.02 -15.82 17.17
C CYS B 299 -3.91 -14.99 18.08
N LEU B 300 -3.41 -13.82 18.49
CA LEU B 300 -4.16 -12.90 19.33
C LEU B 300 -5.35 -12.36 18.57
N LEU B 301 -5.10 -12.02 17.30
CA LEU B 301 -6.15 -11.46 16.46
C LEU B 301 -7.14 -12.50 15.93
N HIS B 302 -6.66 -13.66 15.50
CA HIS B 302 -7.54 -14.61 14.83
C HIS B 302 -8.22 -15.63 15.76
N PRO B 303 -9.53 -15.91 15.53
CA PRO B 303 -10.37 -15.23 14.54
C PRO B 303 -10.98 -13.91 15.00
N THR B 304 -11.14 -12.99 14.06
CA THR B 304 -11.73 -11.69 14.29
C THR B 304 -13.24 -11.81 14.15
N PRO B 305 -14.02 -10.81 14.58
CA PRO B 305 -15.45 -10.93 14.33
C PRO B 305 -15.89 -10.99 12.85
N ALA B 306 -14.96 -10.91 11.91
CA ALA B 306 -15.26 -11.21 10.51
C ALA B 306 -15.36 -12.72 10.24
N LEU B 307 -14.74 -13.53 11.09
CA LEU B 307 -14.72 -14.98 10.86
C LEU B 307 -15.42 -15.77 11.96
N SER B 308 -15.43 -15.24 13.18
CA SER B 308 -16.17 -15.91 14.26
C SER B 308 -17.39 -15.10 14.68
N GLY B 309 -17.17 -13.99 15.37
CA GLY B 309 -18.27 -13.13 15.71
C GLY B 309 -17.86 -12.35 16.93
N PHE B 310 -18.83 -11.74 17.58
CA PHE B 310 -18.56 -10.96 18.76
C PHE B 310 -19.76 -10.98 19.71
N PRO B 311 -19.50 -11.22 21.01
CA PRO B 311 -18.22 -11.65 21.61
C PRO B 311 -17.73 -12.97 21.00
N HIS B 312 -16.42 -13.17 20.96
CA HIS B 312 -15.86 -14.30 20.25
C HIS B 312 -16.37 -15.65 20.72
N GLN B 313 -16.39 -15.85 22.02
CA GLN B 313 -16.66 -17.18 22.53
C GLN B 313 -18.14 -17.52 22.39
N ALA B 314 -19.00 -16.59 22.73
CA ALA B 314 -20.44 -16.74 22.49
C ALA B 314 -20.74 -17.07 21.03
N ALA B 315 -19.94 -16.51 20.12
CA ALA B 315 -20.17 -16.70 18.69
C ALA B 315 -19.78 -18.09 18.26
N THR B 316 -18.59 -18.53 18.68
CA THR B 316 -18.09 -19.86 18.29
C THR B 316 -19.02 -20.99 18.78
N GLN B 317 -19.74 -20.72 19.88
CA GLN B 317 -20.75 -21.62 20.47
C GLN B 317 -21.99 -21.69 19.58
N VAL B 318 -22.51 -20.54 19.19
CA VAL B 318 -23.59 -20.50 18.20
C VAL B 318 -23.18 -21.20 16.89
N ILE B 319 -21.93 -21.03 16.48
CA ILE B 319 -21.43 -21.68 15.26
C ILE B 319 -21.45 -23.21 15.35
N ALA B 320 -20.97 -23.72 16.49
CA ALA B 320 -20.92 -25.17 16.74
C ALA B 320 -22.33 -25.79 16.71
N GLU B 321 -23.30 -25.11 17.33
CA GLU B 321 -24.72 -25.49 17.33
C GLU B 321 -25.36 -25.46 15.95
N LEU B 322 -25.00 -24.48 15.12
CA LEU B 322 -25.72 -24.26 13.87
C LEU B 322 -25.09 -24.87 12.63
N GLU B 323 -23.77 -24.89 12.53
CA GLU B 323 -23.12 -25.43 11.32
C GLU B 323 -23.02 -26.94 11.39
N PRO B 324 -23.46 -27.63 10.33
CA PRO B 324 -23.47 -29.07 10.20
C PRO B 324 -22.15 -29.67 9.69
N PHE B 325 -21.06 -28.93 9.76
CA PHE B 325 -19.79 -29.44 9.31
C PHE B 325 -18.73 -28.84 10.19
N ASP B 326 -17.53 -29.39 10.09
CA ASP B 326 -16.39 -28.89 10.83
C ASP B 326 -15.61 -28.00 9.87
N ARG B 327 -15.31 -26.78 10.28
CA ARG B 327 -14.58 -25.85 9.38
C ARG B 327 -13.18 -26.36 9.11
N GLU B 328 -12.55 -26.94 10.13
CA GLU B 328 -11.16 -27.35 10.00
C GLU B 328 -10.30 -26.15 9.60
N LEU B 329 -9.68 -26.16 8.42
CA LEU B 329 -8.75 -25.09 8.05
C LEU B 329 -9.46 -23.86 7.47
N PHE B 330 -10.71 -24.02 7.04
CA PHE B 330 -11.45 -22.91 6.45
C PHE B 330 -11.73 -21.89 7.54
N GLY B 331 -11.47 -20.62 7.25
CA GLY B 331 -11.67 -19.55 8.22
C GLY B 331 -10.53 -19.43 9.24
N GLY B 332 -9.49 -20.25 9.07
CA GLY B 332 -8.25 -20.11 9.84
C GLY B 332 -7.37 -19.12 9.12
N ILE B 333 -6.06 -19.22 9.33
CA ILE B 333 -5.12 -18.36 8.62
C ILE B 333 -4.11 -19.19 7.87
N VAL B 334 -3.58 -18.61 6.80
CA VAL B 334 -2.55 -19.25 6.04
C VAL B 334 -1.46 -18.20 5.78
N GLY B 335 -0.21 -18.65 5.74
CA GLY B 335 0.90 -17.73 5.59
C GLY B 335 2.23 -18.31 5.98
N TRP B 336 3.11 -17.41 6.45
CA TRP B 336 4.49 -17.78 6.71
C TRP B 336 5.07 -16.95 7.83
N CYS B 337 6.18 -17.46 8.34
CA CYS B 337 6.83 -17.00 9.52
C CYS B 337 8.33 -17.24 9.49
N ASP B 338 9.15 -16.30 9.97
CA ASP B 338 10.57 -16.60 10.09
C ASP B 338 11.10 -16.63 11.52
N SER B 339 12.41 -16.79 11.66
CA SER B 339 13.01 -17.05 12.97
C SER B 339 13.42 -15.77 13.69
N GLU B 340 13.37 -14.66 12.98
CA GLU B 340 13.66 -13.38 13.59
C GLU B 340 12.40 -12.53 13.75
N GLY B 341 11.23 -13.15 13.67
CA GLY B 341 9.99 -12.51 14.06
C GLY B 341 9.19 -11.78 13.00
N ASN B 342 9.49 -12.00 11.73
CA ASN B 342 8.70 -11.42 10.67
C ASN B 342 7.83 -12.49 10.07
N GLY B 343 6.85 -12.09 9.29
CA GLY B 343 5.89 -13.04 8.71
C GLY B 343 4.65 -12.36 8.15
N GLU B 344 3.84 -13.11 7.44
CA GLU B 344 2.55 -12.61 6.98
C GLU B 344 1.48 -13.72 7.00
N TRP B 345 0.28 -13.34 7.46
CA TRP B 345 -0.86 -14.23 7.69
C TRP B 345 -2.14 -13.66 7.15
N VAL B 346 -2.82 -14.42 6.31
CA VAL B 346 -4.03 -13.92 5.67
C VAL B 346 -5.16 -14.90 5.97
N VAL B 347 -6.41 -14.43 5.87
CA VAL B 347 -7.54 -15.28 6.25
C VAL B 347 -7.78 -16.37 5.18
N THR B 348 -8.10 -17.58 5.62
CA THR B 348 -8.31 -18.69 4.69
C THR B 348 -9.74 -18.65 4.22
N ILE B 349 -9.97 -17.86 3.17
CA ILE B 349 -11.30 -17.69 2.57
C ILE B 349 -11.10 -17.59 1.05
N ARG B 350 -12.20 -17.49 0.29
CA ARG B 350 -12.11 -17.52 -1.17
C ARG B 350 -11.17 -18.65 -1.60
N CYS B 351 -11.44 -19.84 -1.09
CA CYS B 351 -10.45 -20.91 -1.14
C CYS B 351 -11.12 -22.28 -1.30
N ALA B 352 -10.28 -23.29 -1.46
CA ALA B 352 -10.75 -24.63 -1.74
C ALA B 352 -9.78 -25.64 -1.20
N LYS B 353 -10.31 -26.77 -0.78
CA LYS B 353 -9.46 -27.87 -0.37
C LYS B 353 -9.66 -28.97 -1.39
N LEU B 354 -8.63 -29.25 -2.19
CA LEU B 354 -8.74 -30.35 -3.15
C LEU B 354 -7.84 -31.55 -2.84
N ARG B 355 -8.41 -32.73 -3.03
CA ARG B 355 -7.70 -34.02 -2.96
C ARG B 355 -8.28 -34.98 -4.01
N GLU B 356 -7.45 -35.38 -4.97
CA GLU B 356 -7.86 -36.34 -6.00
C GLU B 356 -8.99 -35.81 -6.88
N ASN B 357 -10.10 -36.53 -6.90
CA ASN B 357 -11.27 -36.15 -7.73
C ASN B 357 -12.26 -35.27 -6.94
N GLN B 358 -11.80 -34.69 -5.85
CA GLN B 358 -12.69 -34.12 -4.87
C GLN B 358 -12.29 -32.72 -4.38
N VAL B 359 -13.24 -31.80 -4.39
CA VAL B 359 -12.98 -30.42 -4.00
C VAL B 359 -14.05 -29.85 -3.06
N ARG B 360 -13.60 -29.20 -2.00
CA ARG B 360 -14.51 -28.49 -1.12
C ARG B 360 -14.29 -26.98 -1.15
N LEU B 361 -15.33 -26.23 -1.48
CA LEU B 361 -15.29 -24.77 -1.46
C LEU B 361 -15.96 -24.21 -0.21
N PHE B 362 -15.51 -23.05 0.29
CA PHE B 362 -16.01 -22.48 1.54
C PHE B 362 -16.42 -20.99 1.43
N ALA B 363 -17.49 -20.57 2.11
CA ALA B 363 -17.71 -19.14 2.30
C ALA B 363 -18.58 -18.90 3.51
N GLY B 364 -18.34 -17.79 4.21
CA GLY B 364 -19.16 -17.39 5.35
C GLY B 364 -19.62 -15.94 5.25
N ALA B 365 -20.56 -15.56 6.10
CA ALA B 365 -21.08 -14.20 6.12
C ALA B 365 -21.41 -13.80 7.54
N GLY B 366 -21.17 -12.53 7.85
CA GLY B 366 -21.46 -11.97 9.17
C GLY B 366 -22.95 -11.76 9.33
N ILE B 367 -23.49 -12.27 10.43
CA ILE B 367 -24.90 -12.17 10.69
C ILE B 367 -25.16 -11.23 11.87
N VAL B 368 -25.99 -10.22 11.62
CA VAL B 368 -26.41 -9.27 12.62
C VAL B 368 -27.94 -9.20 12.63
N PRO B 369 -28.54 -8.48 13.59
CA PRO B 369 -30.00 -8.46 13.68
C PRO B 369 -30.74 -8.15 12.39
N ALA B 370 -30.20 -7.25 11.58
CA ALA B 370 -30.84 -6.80 10.36
C ALA B 370 -30.55 -7.70 9.15
N SER B 371 -29.79 -8.78 9.33
CA SER B 371 -29.50 -9.67 8.22
C SER B 371 -30.74 -10.27 7.57
N SER B 372 -30.71 -10.32 6.24
CA SER B 372 -31.66 -11.07 5.44
C SER B 372 -31.12 -12.46 5.16
N PRO B 373 -31.91 -13.48 5.49
CA PRO B 373 -31.47 -14.85 5.18
C PRO B 373 -31.23 -15.10 3.69
N LEU B 374 -32.16 -14.67 2.85
CA LEU B 374 -31.96 -14.75 1.41
C LEU B 374 -30.72 -13.95 0.96
N GLY B 375 -30.54 -12.74 1.47
CA GLY B 375 -29.38 -11.89 1.11
C GLY B 375 -28.04 -12.47 1.52
N GLU B 376 -28.03 -13.22 2.65
CA GLU B 376 -26.82 -13.90 3.11
C GLU B 376 -26.54 -15.17 2.30
N TRP B 377 -27.60 -15.89 1.94
CA TRP B 377 -27.46 -16.99 0.98
C TRP B 377 -26.80 -16.47 -0.31
N ARG B 378 -27.30 -15.34 -0.83
CA ARG B 378 -26.78 -14.77 -2.08
C ARG B 378 -25.37 -14.21 -1.91
N GLU B 379 -25.11 -13.58 -0.76
CA GLU B 379 -23.79 -13.04 -0.47
C GLU B 379 -22.73 -14.15 -0.39
N THR B 380 -23.02 -15.25 0.32
CA THR B 380 -22.06 -16.34 0.32
C THR B 380 -21.96 -16.97 -1.08
N GLY B 381 -23.03 -16.90 -1.85
CA GLY B 381 -22.97 -17.34 -3.24
C GLY B 381 -21.96 -16.57 -4.07
N VAL B 382 -21.94 -15.24 -3.96
CA VAL B 382 -20.96 -14.43 -4.67
C VAL B 382 -19.56 -14.70 -4.16
N LYS B 383 -19.40 -14.97 -2.87
CA LYS B 383 -18.07 -15.31 -2.34
C LYS B 383 -17.51 -16.61 -2.93
N LEU B 384 -18.34 -17.64 -2.94
CA LEU B 384 -18.04 -18.92 -3.55
C LEU B 384 -17.67 -18.79 -5.03
N SER B 385 -18.19 -17.77 -5.71
CA SER B 385 -18.03 -17.67 -7.17
C SER B 385 -16.59 -17.43 -7.58
N THR B 386 -15.82 -16.77 -6.72
CA THR B 386 -14.38 -16.62 -6.93
C THR B 386 -13.69 -17.95 -7.28
N MET B 387 -14.01 -18.98 -6.51
CA MET B 387 -13.42 -20.31 -6.65
C MET B 387 -14.18 -21.15 -7.67
N LEU B 388 -15.48 -20.93 -7.82
CA LEU B 388 -16.24 -21.58 -8.88
C LEU B 388 -15.74 -21.08 -10.24
N ASN B 389 -15.47 -19.79 -10.33
CA ASN B 389 -14.90 -19.20 -11.52
C ASN B 389 -13.56 -19.82 -11.88
N VAL B 390 -12.78 -20.23 -10.87
CA VAL B 390 -11.48 -20.88 -11.13
C VAL B 390 -11.68 -22.23 -11.85
N PHE B 391 -12.76 -22.92 -11.48
CA PHE B 391 -13.10 -24.21 -12.07
C PHE B 391 -13.98 -24.06 -13.30
N GLY B 392 -14.30 -22.83 -13.67
CA GLY B 392 -15.14 -22.58 -14.82
C GLY B 392 -16.62 -22.83 -14.56
N LEU B 393 -17.00 -23.06 -13.31
CA LEU B 393 -18.39 -23.36 -12.98
C LEU B 393 -19.21 -22.10 -12.72
N HIS B 394 -20.53 -22.27 -12.72
CA HIS B 394 -21.46 -21.17 -12.47
C HIS B 394 -22.15 -21.39 -11.14
MG MG C . 11.40 25.87 5.97
MG MG D . 24.99 20.70 14.42
C ISC E . 11.24 24.62 3.88
C1 ISC E . 11.03 23.95 2.66
O1 ISC E . 11.36 23.99 4.96
C2 ISC E . 11.01 22.55 2.63
O2 ISC E . 11.29 25.86 3.88
C3 ISC E . 10.72 21.92 1.27
O3 ISC E . 12.29 22.04 3.07
C4 ISC E . 10.67 22.78 0.18
C5 ISC E . 10.71 24.16 0.28
C6 ISC E . 10.91 24.74 1.51
C1' ISC E . 7.12 20.55 1.83
O1' ISC E . 6.55 21.41 1.14
C2' ISC E . 8.64 20.58 1.99
O2' ISC E . 6.44 19.68 2.42
C3' ISC E . 9.36 19.52 2.83
O3' ISC E . 9.29 21.56 1.30
MG MG F . -21.40 -9.58 5.18
MG MG G . -26.88 -8.51 20.81
C ISC H . -18.98 -10.28 5.04
C1 ISC H . -17.63 -10.53 4.85
O1 ISC H . -19.72 -11.02 5.74
C2 ISC H . -17.04 -11.63 5.52
O2 ISC H . -19.52 -9.32 4.48
C3 ISC H . -15.54 -11.88 5.26
O3 ISC H . -17.17 -11.40 6.90
C4 ISC H . -14.88 -10.94 4.46
C5 ISC H . -15.55 -9.89 3.82
C6 ISC H . -16.90 -9.65 4.03
C1' ISC H . -15.72 -15.23 3.28
O1' ISC H . -15.34 -14.65 2.23
C2' ISC H . -15.81 -14.43 4.56
O2' ISC H . -16.01 -16.44 3.27
C3' ISC H . -16.24 -15.13 5.85
O3' ISC H . -15.41 -13.11 4.44
#